data_6CYD
#
_entry.id   6CYD
#
_cell.length_a   71.940
_cell.length_b   91.820
_cell.length_c   102.830
_cell.angle_alpha   90.00
_cell.angle_beta   90.00
_cell.angle_gamma   90.00
#
_symmetry.space_group_name_H-M   'P 21 21 21'
#
loop_
_entity.id
_entity.type
_entity.pdbx_description
1 polymer "cGMP-dependent 3',5'-cyclic phosphodiesterase"
2 non-polymer 'ZINC ION'
3 non-polymer 'MAGNESIUM ION'
4 non-polymer 3-(hydroxymethyl)-6-methyl-1-{(1S)-1-[4-(trifluoromethyl)phenyl]ethyl}-1,5-dihydro-4H-pyrazolo[3,4-d]pyrimidin-4-one
5 non-polymer 1,2-ETHANEDIOL
6 water water
#
_entity_poly.entity_id   1
_entity_poly.type   'polypeptide(L)'
_entity_poly.pdbx_seq_one_letter_code
;MHHHHHHENLYFQGELSTSLYKKAGFDDDDKSDDEYTKLLHDGIQPVAAIDSNFASFTYTPRSLPEDDTSMAILSMLQDM
NFINNYKIDCPTLARFCLMVKKGYRDPPYHNWMHAFSVSHFCYLLYKNLELTNYLEDIEIFALFISCMCHDLDHRGTNNS
FQVASKSVLAALYSSEGSVMERHHFAQAIAILNTHGCNIFDHFSRKDYQRMLDLMRDIILATDLAHHLRIFKDLQKMAEV
GYDRNNKQHHRLLLCLLMTSCDLSDQTKGWKTTRKIAELIYKEFFSQGDLEKAMGNRPMEMMDREKAYIPELQISFMEHI
AMPIYKLLQDLFPKAAELYERVASNREHWTKVSHKFTIRGLPSNNSLDFLDEE
;
_entity_poly.pdbx_strand_id   A,B
#
loop_
_chem_comp.id
_chem_comp.type
_chem_comp.name
_chem_comp.formula
EDO non-polymer 1,2-ETHANEDIOL 'C2 H6 O2'
FKG non-polymer 3-(hydroxymethyl)-6-methyl-1-{(1S)-1-[4-(trifluoromethyl)phenyl]ethyl}-1,5-dihydro-4H-pyrazolo[3,4-d]pyrimidin-4-one 'C16 H15 F3 N4 O2'
MG non-polymer 'MAGNESIUM ION' 'Mg 2'
ZN non-polymer 'ZINC ION' 'Zn 2'
#
# COMPACT_ATOMS: atom_id res chain seq x y z
N SER A 19 9.14 29.11 -1.47
CA SER A 19 8.94 27.65 -1.41
C SER A 19 9.79 26.94 -0.34
N LEU A 20 10.59 27.71 0.42
CA LEU A 20 11.43 27.16 1.49
C LEU A 20 10.59 27.12 2.79
N TYR A 21 10.30 25.90 3.24
CA TYR A 21 9.53 25.62 4.45
C TYR A 21 10.39 24.76 5.36
N LYS A 22 10.75 25.30 6.51
CA LYS A 22 11.66 24.64 7.44
C LYS A 22 11.05 23.68 8.46
N LYS A 23 11.89 22.75 8.96
CA LYS A 23 11.58 21.82 10.04
C LYS A 23 12.24 22.54 11.25
N ALA A 24 11.53 22.62 12.39
CA ALA A 24 12.09 23.32 13.56
C ALA A 24 13.24 22.57 14.24
N GLY A 25 13.21 21.24 14.16
CA GLY A 25 14.24 20.39 14.75
C GLY A 25 14.65 19.22 13.89
N PHE A 26 15.18 18.16 14.53
CA PHE A 26 15.63 16.94 13.86
C PHE A 26 14.73 15.76 14.19
N TYR A 36 7.28 19.75 27.54
CA TYR A 36 7.01 18.42 28.11
C TYR A 36 6.61 18.50 29.58
N THR A 37 7.44 19.18 30.41
CA THR A 37 7.18 19.35 31.84
C THR A 37 5.90 20.16 32.06
N LYS A 38 5.74 21.25 31.27
CA LYS A 38 4.55 22.13 31.30
C LYS A 38 3.29 21.32 30.96
N LEU A 39 3.39 20.42 29.98
CA LEU A 39 2.29 19.54 29.54
C LEU A 39 1.93 18.49 30.60
N LEU A 40 2.88 18.13 31.48
CA LEU A 40 2.66 17.14 32.55
C LEU A 40 2.04 17.82 33.79
N HIS A 41 2.28 19.13 33.95
CA HIS A 41 1.77 19.92 35.06
C HIS A 41 0.27 20.20 34.94
N ASP A 42 -0.20 20.68 33.76
CA ASP A 42 -1.63 20.99 33.52
C ASP A 42 -2.09 20.83 32.05
N GLY A 43 -1.58 19.81 31.35
CA GLY A 43 -1.93 19.52 29.96
C GLY A 43 -3.31 18.91 29.80
N ILE A 44 -3.77 18.15 30.81
CA ILE A 44 -5.09 17.53 30.78
C ILE A 44 -6.10 18.44 31.51
N GLN A 45 -6.65 19.37 30.75
CA GLN A 45 -7.64 20.33 31.24
C GLN A 45 -9.02 19.90 30.83
N PRO A 46 -10.10 20.26 31.58
CA PRO A 46 -11.44 19.91 31.11
C PRO A 46 -11.67 20.76 29.85
N VAL A 47 -12.34 20.23 28.83
CA VAL A 47 -12.55 20.97 27.57
C VAL A 47 -13.29 22.31 27.72
N ALA A 48 -14.23 22.46 28.69
CA ALA A 48 -14.92 23.77 28.84
C ALA A 48 -13.98 24.88 29.27
N ALA A 49 -12.86 24.53 29.94
CA ALA A 49 -11.84 25.49 30.38
C ALA A 49 -11.10 26.05 29.16
N ILE A 50 -11.00 25.24 28.08
CA ILE A 50 -10.37 25.72 26.85
C ILE A 50 -11.31 26.73 26.21
N ASP A 51 -12.57 26.31 26.06
CA ASP A 51 -13.63 27.18 25.51
C ASP A 51 -14.95 26.61 25.79
N SER A 52 -15.95 27.46 26.16
CA SER A 52 -17.30 26.92 26.41
C SER A 52 -17.91 26.31 25.14
N ASN A 53 -17.48 26.79 23.95
CA ASN A 53 -17.96 26.33 22.63
C ASN A 53 -17.04 25.23 22.00
N PHE A 54 -16.09 24.66 22.77
CA PHE A 54 -15.09 23.71 22.27
C PHE A 54 -15.66 22.45 21.64
N ALA A 55 -16.79 21.97 22.12
CA ALA A 55 -17.39 20.75 21.59
C ALA A 55 -18.52 20.97 20.56
N SER A 56 -18.60 22.20 20.04
CA SER A 56 -19.60 22.63 19.05
C SER A 56 -19.08 22.77 17.62
N PHE A 57 -19.94 22.47 16.64
CA PHE A 57 -19.58 22.62 15.24
C PHE A 57 -19.30 24.08 14.86
N THR A 58 -19.66 25.06 15.73
CA THR A 58 -19.37 26.47 15.45
C THR A 58 -18.04 26.90 16.02
N TYR A 59 -17.27 25.98 16.62
CA TYR A 59 -15.97 26.37 17.16
C TYR A 59 -14.94 26.48 16.05
N THR A 60 -14.07 27.47 16.12
CA THR A 60 -13.02 27.63 15.10
C THR A 60 -11.67 27.27 15.78
N PRO A 61 -11.20 26.00 15.65
CA PRO A 61 -9.94 25.59 16.30
C PRO A 61 -8.71 26.40 15.94
N ARG A 62 -8.73 27.05 14.76
CA ARG A 62 -7.61 27.87 14.29
C ARG A 62 -7.47 29.13 15.13
N SER A 63 -8.49 29.46 15.95
CA SER A 63 -8.50 30.60 16.86
C SER A 63 -7.73 30.32 18.14
N LEU A 64 -7.45 29.04 18.42
CA LEU A 64 -6.73 28.67 19.63
C LEU A 64 -5.24 28.95 19.42
N PRO A 65 -4.55 29.66 20.35
CA PRO A 65 -3.10 29.91 20.17
C PRO A 65 -2.34 28.61 19.96
N GLU A 66 -1.37 28.64 19.07
CA GLU A 66 -0.61 27.44 18.73
C GLU A 66 0.02 26.78 19.96
N ASP A 67 0.46 27.60 20.90
CA ASP A 67 1.07 27.15 22.15
C ASP A 67 0.11 26.36 23.08
N ASP A 68 -1.22 26.44 22.86
CA ASP A 68 -2.19 25.68 23.67
C ASP A 68 -2.67 24.40 22.96
N THR A 69 -2.24 24.14 21.72
CA THR A 69 -2.77 22.99 20.95
C THR A 69 -2.37 21.64 21.47
N SER A 70 -1.15 21.47 22.00
CA SER A 70 -0.76 20.15 22.54
C SER A 70 -1.64 19.81 23.76
N MET A 71 -1.88 20.80 24.63
CA MET A 71 -2.76 20.61 25.81
C MET A 71 -4.17 20.23 25.30
N ALA A 72 -4.66 20.92 24.23
CA ALA A 72 -6.00 20.65 23.71
C ALA A 72 -6.09 19.25 23.13
N ILE A 73 -5.01 18.77 22.47
CA ILE A 73 -5.04 17.39 21.96
C ILE A 73 -5.23 16.42 23.13
N LEU A 74 -4.46 16.59 24.21
CA LEU A 74 -4.56 15.74 25.41
C LEU A 74 -5.97 15.82 26.00
N SER A 75 -6.50 17.05 26.14
CA SER A 75 -7.84 17.26 26.68
C SER A 75 -8.90 16.52 25.87
N MET A 76 -8.82 16.55 24.53
CA MET A 76 -9.76 15.84 23.66
C MET A 76 -9.61 14.31 23.82
N LEU A 77 -8.38 13.79 23.90
CA LEU A 77 -8.18 12.34 24.07
C LEU A 77 -8.73 11.86 25.43
N GLN A 78 -8.61 12.71 26.46
CA GLN A 78 -9.17 12.43 27.78
C GLN A 78 -10.69 12.50 27.72
N ASP A 79 -11.24 13.56 27.08
CA ASP A 79 -12.69 13.73 26.98
C ASP A 79 -13.36 12.59 26.21
N MET A 80 -12.64 11.97 25.24
CA MET A 80 -13.18 10.83 24.47
C MET A 80 -12.95 9.50 25.19
N ASN A 81 -12.26 9.57 26.35
CA ASN A 81 -11.89 8.49 27.26
C ASN A 81 -10.92 7.46 26.64
N PHE A 82 -10.19 7.86 25.56
CA PHE A 82 -9.21 6.97 24.92
C PHE A 82 -8.02 6.66 25.81
N ILE A 83 -7.58 7.62 26.64
CA ILE A 83 -6.43 7.45 27.54
C ILE A 83 -6.68 6.26 28.51
N ASN A 84 -7.82 6.25 29.21
CA ASN A 84 -8.17 5.18 30.15
C ASN A 84 -8.52 3.87 29.45
N ASN A 85 -9.40 3.92 28.43
CA ASN A 85 -9.85 2.75 27.65
C ASN A 85 -8.71 1.95 27.05
N TYR A 86 -7.66 2.63 26.56
CA TYR A 86 -6.52 1.97 25.92
C TYR A 86 -5.26 1.93 26.79
N LYS A 87 -5.37 2.32 28.09
CA LYS A 87 -4.26 2.33 29.07
C LYS A 87 -3.06 3.09 28.53
N ILE A 88 -3.32 4.26 27.94
CA ILE A 88 -2.27 5.07 27.36
C ILE A 88 -1.44 5.70 28.45
N ASP A 89 -0.12 5.54 28.37
CA ASP A 89 0.80 6.12 29.34
C ASP A 89 0.84 7.62 29.05
N CYS A 90 0.47 8.47 30.04
CA CYS A 90 0.44 9.93 29.83
C CYS A 90 1.79 10.58 29.46
N PRO A 91 2.96 10.28 30.10
CA PRO A 91 4.20 10.93 29.63
C PRO A 91 4.54 10.55 28.18
N THR A 92 4.30 9.26 27.79
CA THR A 92 4.52 8.77 26.42
C THR A 92 3.58 9.54 25.46
N LEU A 93 2.31 9.71 25.87
CA LEU A 93 1.34 10.45 25.06
C LEU A 93 1.77 11.91 24.86
N ALA A 94 2.25 12.57 25.94
CA ALA A 94 2.73 13.95 25.90
C ALA A 94 3.93 14.05 24.94
N ARG A 95 4.89 13.09 25.03
CA ARG A 95 6.05 13.07 24.14
C ARG A 95 5.59 12.86 22.68
N PHE A 96 4.68 11.89 22.45
CA PHE A 96 4.11 11.63 21.12
C PHE A 96 3.49 12.88 20.51
N CYS A 97 2.63 13.59 21.28
N CYS A 97 2.62 13.59 21.27
CA CYS A 97 1.96 14.80 20.80
CA CYS A 97 1.94 14.81 20.81
C CYS A 97 2.94 15.90 20.40
C CYS A 97 2.94 15.88 20.39
N LEU A 98 3.98 16.11 21.22
CA LEU A 98 5.02 17.08 20.93
C LEU A 98 5.82 16.71 19.69
N MET A 99 6.11 15.41 19.51
CA MET A 99 6.85 14.94 18.34
C MET A 99 6.06 15.15 17.07
N VAL A 100 4.74 14.85 17.13
CA VAL A 100 3.86 15.04 15.96
C VAL A 100 3.81 16.51 15.60
N LYS A 101 3.59 17.38 16.59
CA LYS A 101 3.54 18.83 16.34
C LYS A 101 4.85 19.31 15.65
N LYS A 102 6.02 18.88 16.16
CA LYS A 102 7.35 19.21 15.60
C LYS A 102 7.58 18.61 14.20
N GLY A 103 6.82 17.59 13.84
CA GLY A 103 6.97 16.90 12.56
C GLY A 103 6.36 17.63 11.39
N TYR A 104 5.73 18.82 11.61
CA TYR A 104 5.16 19.58 10.51
C TYR A 104 6.08 20.73 10.22
N ARG A 105 6.15 21.13 8.93
CA ARG A 105 6.93 22.28 8.46
C ARG A 105 6.06 23.52 8.53
N ASP A 106 6.54 24.63 8.00
CA ASP A 106 5.76 25.85 8.08
C ASP A 106 5.25 26.39 6.73
N PRO A 107 4.67 25.57 5.81
CA PRO A 107 4.07 26.16 4.60
C PRO A 107 2.80 26.95 5.02
N PRO A 108 2.21 27.78 4.12
CA PRO A 108 1.04 28.59 4.54
C PRO A 108 -0.15 27.77 5.05
N TYR A 109 -0.40 26.59 4.45
CA TYR A 109 -1.55 25.78 4.82
C TYR A 109 -1.20 24.47 5.50
N HIS A 110 -0.39 23.60 4.86
CA HIS A 110 -0.08 22.28 5.43
C HIS A 110 0.94 22.31 6.59
N ASN A 111 0.57 23.00 7.68
CA ASN A 111 1.35 23.14 8.91
C ASN A 111 0.59 22.46 10.06
N TRP A 112 1.17 22.50 11.26
CA TRP A 112 0.58 21.88 12.45
C TRP A 112 -0.84 22.40 12.75
N MET A 113 -1.09 23.72 12.58
CA MET A 113 -2.43 24.27 12.82
C MET A 113 -3.48 23.60 11.96
N HIS A 114 -3.09 23.16 10.73
CA HIS A 114 -4.00 22.43 9.87
C HIS A 114 -4.26 21.05 10.52
N ALA A 115 -3.20 20.30 10.89
CA ALA A 115 -3.43 18.98 11.50
C ALA A 115 -4.26 19.11 12.80
N PHE A 116 -3.99 20.14 13.61
CA PHE A 116 -4.73 20.33 14.87
C PHE A 116 -6.22 20.56 14.56
N SER A 117 -6.51 21.44 13.58
N SER A 117 -6.50 21.41 13.56
CA SER A 117 -7.90 21.73 13.23
CA SER A 117 -7.87 21.73 13.16
C SER A 117 -8.63 20.49 12.70
C SER A 117 -8.61 20.51 12.66
N VAL A 118 -7.89 19.62 11.98
CA VAL A 118 -8.44 18.37 11.43
C VAL A 118 -8.79 17.44 12.57
N SER A 119 -7.88 17.32 13.56
CA SER A 119 -8.07 16.51 14.76
C SER A 119 -9.26 17.02 15.56
N HIS A 120 -9.39 18.35 15.67
CA HIS A 120 -10.52 18.95 16.39
C HIS A 120 -11.83 18.55 15.77
N PHE A 121 -11.92 18.55 14.42
CA PHE A 121 -13.15 18.15 13.75
C PHE A 121 -13.49 16.68 14.03
N CYS A 122 -12.47 15.81 14.09
CA CYS A 122 -12.71 14.38 14.39
C CYS A 122 -13.38 14.30 15.78
N TYR A 123 -12.84 15.11 16.72
CA TYR A 123 -13.38 15.19 18.07
C TYR A 123 -14.86 15.65 18.03
N LEU A 124 -15.16 16.66 17.19
CA LEU A 124 -16.53 17.17 17.04
C LEU A 124 -17.43 16.07 16.54
N LEU A 125 -16.97 15.28 15.55
CA LEU A 125 -17.79 14.14 15.05
C LEU A 125 -18.08 13.15 16.16
N TYR A 126 -17.10 12.88 17.03
CA TYR A 126 -17.28 11.94 18.14
C TYR A 126 -18.33 12.50 19.11
N LYS A 127 -18.22 13.79 19.44
CA LYS A 127 -19.09 14.49 20.40
C LYS A 127 -20.51 14.72 19.94
N ASN A 128 -20.71 14.94 18.64
CA ASN A 128 -22.01 15.29 18.08
C ASN A 128 -22.74 14.24 17.26
N LEU A 129 -22.00 13.32 16.61
CA LEU A 129 -22.67 12.34 15.73
C LEU A 129 -22.82 10.94 16.26
N GLU A 130 -22.47 10.69 17.54
CA GLU A 130 -22.62 9.35 18.14
C GLU A 130 -21.91 8.27 17.30
N LEU A 131 -20.65 8.51 16.93
CA LEU A 131 -19.84 7.58 16.13
C LEU A 131 -19.73 6.19 16.74
N THR A 132 -19.77 6.12 18.10
CA THR A 132 -19.70 4.87 18.85
C THR A 132 -20.81 3.88 18.46
N ASN A 133 -21.85 4.35 17.72
CA ASN A 133 -22.98 3.53 17.25
C ASN A 133 -22.79 3.01 15.82
N TYR A 134 -21.70 3.43 15.14
CA TYR A 134 -21.42 3.07 13.76
C TYR A 134 -20.08 2.37 13.62
N LEU A 135 -19.07 2.79 14.41
CA LEU A 135 -17.71 2.27 14.33
C LEU A 135 -17.21 1.67 15.62
N GLU A 136 -16.20 0.80 15.54
CA GLU A 136 -15.55 0.19 16.70
C GLU A 136 -14.72 1.29 17.39
N ASP A 137 -14.58 1.22 18.73
CA ASP A 137 -13.81 2.20 19.51
C ASP A 137 -12.41 2.40 18.92
N ILE A 138 -11.75 1.28 18.55
CA ILE A 138 -10.40 1.27 17.96
C ILE A 138 -10.35 2.01 16.62
N GLU A 139 -11.45 1.96 15.84
CA GLU A 139 -11.53 2.64 14.54
C GLU A 139 -11.57 4.14 14.80
N ILE A 140 -12.37 4.58 15.82
CA ILE A 140 -12.48 5.99 16.19
C ILE A 140 -11.14 6.48 16.70
N PHE A 141 -10.49 5.68 17.56
CA PHE A 141 -9.18 6.05 18.09
C PHE A 141 -8.16 6.18 16.94
N ALA A 142 -8.14 5.22 15.99
CA ALA A 142 -7.21 5.30 14.85
C ALA A 142 -7.53 6.53 14.00
N LEU A 143 -8.83 6.86 13.84
CA LEU A 143 -9.20 8.02 13.04
C LEU A 143 -8.62 9.29 13.64
N PHE A 144 -8.72 9.43 14.98
CA PHE A 144 -8.20 10.62 15.65
C PHE A 144 -6.69 10.74 15.51
N ILE A 145 -5.94 9.66 15.84
CA ILE A 145 -4.46 9.68 15.71
C ILE A 145 -4.04 9.94 14.26
N SER A 146 -4.74 9.33 13.29
CA SER A 146 -4.49 9.55 11.86
C SER A 146 -4.65 11.04 11.54
N CYS A 147 -5.70 11.70 12.09
CA CYS A 147 -5.92 13.13 11.88
C CYS A 147 -4.70 13.92 12.31
N MET A 148 -4.16 13.60 13.48
CA MET A 148 -2.97 14.32 13.97
C MET A 148 -1.78 14.17 13.06
N CYS A 149 -1.62 12.99 12.49
CA CYS A 149 -0.47 12.60 11.69
C CYS A 149 -0.61 12.75 10.18
N HIS A 150 -1.83 12.97 9.68
CA HIS A 150 -2.14 12.79 8.27
C HIS A 150 -1.37 13.63 7.28
N ASP A 151 -0.73 14.78 7.66
CA ASP A 151 0.04 15.56 6.68
C ASP A 151 1.49 15.76 7.17
N LEU A 152 1.97 14.87 8.06
CA LEU A 152 3.32 15.01 8.63
C LEU A 152 4.41 15.20 7.61
N ASP A 153 5.25 16.21 7.83
CA ASP A 153 6.39 16.51 6.97
C ASP A 153 6.00 16.98 5.56
N HIS A 154 4.78 17.53 5.43
CA HIS A 154 4.31 18.07 4.15
C HIS A 154 5.27 19.18 3.70
N ARG A 155 5.55 19.25 2.40
CA ARG A 155 6.51 20.18 1.80
C ARG A 155 5.83 21.36 1.09
N GLY A 156 4.50 21.45 1.21
CA GLY A 156 3.77 22.53 0.53
C GLY A 156 3.63 22.29 -0.96
N THR A 157 3.79 21.02 -1.39
CA THR A 157 3.69 20.66 -2.80
C THR A 157 2.86 19.39 -2.88
N ASN A 158 2.20 19.17 -4.03
CA ASN A 158 1.35 17.99 -4.18
C ASN A 158 2.09 16.79 -4.69
N ASN A 159 1.37 15.69 -4.92
CA ASN A 159 1.95 14.46 -5.42
C ASN A 159 2.58 14.59 -6.81
N SER A 160 1.90 15.28 -7.76
CA SER A 160 2.43 15.50 -9.11
C SER A 160 3.79 16.20 -9.05
N PHE A 161 3.96 17.17 -8.12
CA PHE A 161 5.23 17.89 -7.99
C PHE A 161 6.34 16.94 -7.54
N GLN A 162 6.03 16.00 -6.63
CA GLN A 162 7.05 15.06 -6.17
C GLN A 162 7.64 14.29 -7.35
N VAL A 163 6.76 13.80 -8.24
CA VAL A 163 7.12 13.05 -9.44
C VAL A 163 7.92 13.96 -10.40
N ALA A 164 7.42 15.17 -10.70
CA ALA A 164 8.07 16.14 -11.60
C ALA A 164 9.47 16.59 -11.11
N SER A 165 9.66 16.73 -9.77
CA SER A 165 10.93 17.14 -9.19
C SER A 165 11.89 15.97 -8.94
N LYS A 166 11.45 14.73 -9.22
CA LYS A 166 12.26 13.52 -9.01
C LYS A 166 12.82 13.49 -7.58
N SER A 167 11.95 13.79 -6.59
CA SER A 167 12.36 13.82 -5.20
C SER A 167 12.61 12.43 -4.62
N VAL A 168 13.26 12.35 -3.43
CA VAL A 168 13.47 11.04 -2.78
C VAL A 168 12.11 10.42 -2.44
N LEU A 169 11.10 11.27 -2.10
CA LEU A 169 9.76 10.79 -1.78
C LEU A 169 9.14 10.10 -3.00
N ALA A 170 9.30 10.69 -4.21
CA ALA A 170 8.76 10.06 -5.43
C ALA A 170 9.53 8.75 -5.69
N ALA A 171 10.87 8.76 -5.49
CA ALA A 171 11.70 7.55 -5.67
C ALA A 171 11.16 6.38 -4.79
N LEU A 172 10.82 6.69 -3.54
CA LEU A 172 10.31 5.72 -2.60
C LEU A 172 8.89 5.23 -2.91
N TYR A 173 7.97 6.18 -3.23
CA TYR A 173 6.55 5.86 -3.35
C TYR A 173 5.82 6.04 -4.66
N SER A 174 6.38 6.72 -5.68
CA SER A 174 5.61 7.00 -6.91
C SER A 174 5.11 5.77 -7.64
N SER A 175 5.88 4.68 -7.62
CA SER A 175 5.47 3.44 -8.30
C SER A 175 4.31 2.79 -7.60
N GLU A 176 4.08 3.17 -6.35
CA GLU A 176 3.02 2.61 -5.50
C GLU A 176 1.76 3.47 -5.50
N GLY A 177 1.94 4.79 -5.68
CA GLY A 177 0.87 5.78 -5.72
C GLY A 177 0.77 6.57 -4.42
N SER A 178 0.06 7.72 -4.43
CA SER A 178 -0.17 8.57 -3.24
C SER A 178 1.15 8.88 -2.53
N VAL A 179 2.10 9.50 -3.28
CA VAL A 179 3.44 9.80 -2.74
C VAL A 179 3.42 10.41 -1.33
N MET A 180 2.81 11.59 -1.19
CA MET A 180 2.87 12.25 0.11
C MET A 180 2.18 11.49 1.20
N GLU A 181 1.00 10.90 0.91
CA GLU A 181 0.25 10.19 1.95
C GLU A 181 1.04 8.98 2.46
N ARG A 182 1.81 8.32 1.57
CA ARG A 182 2.65 7.18 2.04
C ARG A 182 3.76 7.68 2.94
N HIS A 183 4.29 8.88 2.64
CA HIS A 183 5.32 9.51 3.46
C HIS A 183 4.75 9.95 4.81
N HIS A 184 3.55 10.56 4.81
CA HIS A 184 2.94 10.99 6.08
C HIS A 184 2.81 9.79 7.02
N PHE A 185 2.33 8.62 6.48
CA PHE A 185 2.19 7.43 7.30
C PHE A 185 3.56 6.93 7.79
N ALA A 186 4.59 6.94 6.91
CA ALA A 186 5.94 6.51 7.28
C ALA A 186 6.48 7.38 8.40
N GLN A 187 6.23 8.70 8.33
CA GLN A 187 6.64 9.64 9.37
C GLN A 187 5.97 9.34 10.72
N ALA A 188 4.65 9.01 10.69
CA ALA A 188 3.88 8.64 11.89
C ALA A 188 4.50 7.42 12.57
N ILE A 189 4.84 6.39 11.77
CA ILE A 189 5.45 5.17 12.30
C ILE A 189 6.85 5.45 12.87
N ALA A 190 7.63 6.31 12.18
CA ALA A 190 8.97 6.69 12.65
C ALA A 190 8.88 7.36 14.05
N ILE A 191 7.81 8.15 14.29
CA ILE A 191 7.58 8.80 15.60
C ILE A 191 7.25 7.70 16.63
N LEU A 192 6.32 6.77 16.31
CA LEU A 192 5.99 5.68 17.22
C LEU A 192 7.23 4.88 17.59
N ASN A 193 8.15 4.71 16.64
CA ASN A 193 9.38 3.93 16.85
C ASN A 193 10.51 4.77 17.44
N THR A 194 10.22 6.00 17.89
CA THR A 194 11.20 6.85 18.56
C THR A 194 11.07 6.53 20.05
N HIS A 195 12.23 6.43 20.75
CA HIS A 195 12.25 6.10 22.17
C HIS A 195 11.35 6.99 23.00
N GLY A 196 10.47 6.36 23.79
CA GLY A 196 9.53 7.02 24.69
C GLY A 196 8.28 7.60 24.05
N CYS A 197 8.03 7.30 22.76
CA CYS A 197 6.87 7.83 22.02
C CYS A 197 5.88 6.75 21.56
N ASN A 198 6.15 5.47 21.85
CA ASN A 198 5.24 4.44 21.37
C ASN A 198 4.00 4.33 22.24
N ILE A 199 2.96 5.12 21.87
CA ILE A 199 1.71 5.13 22.62
C ILE A 199 0.96 3.79 22.53
N PHE A 200 1.35 2.89 21.60
CA PHE A 200 0.70 1.58 21.42
C PHE A 200 1.60 0.40 21.86
N ASP A 201 2.75 0.68 22.49
CA ASP A 201 3.73 -0.34 22.89
C ASP A 201 3.14 -1.56 23.63
N HIS A 202 2.23 -1.34 24.57
CA HIS A 202 1.59 -2.36 25.40
C HIS A 202 0.55 -3.22 24.67
N PHE A 203 0.10 -2.78 23.47
CA PHE A 203 -0.90 -3.49 22.68
C PHE A 203 -0.41 -4.88 22.27
N SER A 204 -1.32 -5.84 22.11
CA SER A 204 -0.94 -7.19 21.65
C SER A 204 -0.49 -7.02 20.18
N ARG A 205 0.25 -8.00 19.64
CA ARG A 205 0.72 -7.97 18.24
C ARG A 205 -0.42 -7.75 17.24
N LYS A 206 -1.54 -8.50 17.38
CA LYS A 206 -2.70 -8.36 16.51
C LYS A 206 -3.28 -6.96 16.56
N ASP A 207 -3.44 -6.40 17.79
CA ASP A 207 -4.01 -5.06 17.96
C ASP A 207 -3.10 -3.97 17.45
N TYR A 208 -1.79 -4.13 17.64
CA TYR A 208 -0.78 -3.18 17.18
C TYR A 208 -0.83 -3.17 15.65
N GLN A 209 -0.85 -4.37 15.02
CA GLN A 209 -0.94 -4.47 13.57
C GLN A 209 -2.25 -3.84 13.09
N ARG A 210 -3.36 -4.08 13.79
CA ARG A 210 -4.69 -3.55 13.43
C ARG A 210 -4.64 -2.03 13.43
N MET A 211 -4.07 -1.43 14.48
CA MET A 211 -3.95 0.03 14.60
C MET A 211 -3.11 0.61 13.45
N LEU A 212 -1.92 0.02 13.16
CA LEU A 212 -1.08 0.55 12.08
C LEU A 212 -1.73 0.39 10.72
N ASP A 213 -2.53 -0.67 10.53
CA ASP A 213 -3.22 -0.89 9.26
C ASP A 213 -4.35 0.12 9.09
N LEU A 214 -5.05 0.43 10.20
CA LEU A 214 -6.11 1.44 10.19
C LEU A 214 -5.49 2.79 9.88
N MET A 215 -4.37 3.15 10.54
CA MET A 215 -3.70 4.43 10.26
C MET A 215 -3.26 4.51 8.81
N ARG A 216 -2.70 3.40 8.25
CA ARG A 216 -2.28 3.40 6.85
C ARG A 216 -3.48 3.70 5.95
N ASP A 217 -4.59 2.94 6.10
CA ASP A 217 -5.80 3.09 5.28
C ASP A 217 -6.40 4.48 5.39
N ILE A 218 -6.47 4.99 6.61
CA ILE A 218 -7.07 6.31 6.86
C ILE A 218 -6.23 7.45 6.30
N ILE A 219 -4.91 7.37 6.50
CA ILE A 219 -4.04 8.43 5.95
C ILE A 219 -4.07 8.35 4.42
N LEU A 220 -4.07 7.13 3.84
CA LEU A 220 -4.17 6.98 2.40
C LEU A 220 -5.46 7.55 1.82
N ALA A 221 -6.57 7.54 2.61
CA ALA A 221 -7.86 8.09 2.16
C ALA A 221 -7.82 9.62 2.00
N THR A 222 -6.76 10.27 2.47
CA THR A 222 -6.63 11.74 2.34
C THR A 222 -6.09 12.17 0.97
N ASP A 223 -5.71 11.21 0.13
CA ASP A 223 -5.29 11.55 -1.23
C ASP A 223 -6.57 11.76 -2.01
N LEU A 224 -6.72 12.91 -2.61
CA LEU A 224 -7.92 13.21 -3.43
C LEU A 224 -8.11 12.14 -4.52
N ALA A 225 -7.00 11.59 -5.08
CA ALA A 225 -7.08 10.55 -6.10
C ALA A 225 -7.81 9.33 -5.53
N HIS A 226 -7.61 9.00 -4.23
CA HIS A 226 -8.30 7.88 -3.60
C HIS A 226 -9.80 8.18 -3.47
N HIS A 227 -10.14 9.41 -3.07
CA HIS A 227 -11.54 9.81 -2.93
C HIS A 227 -12.28 9.63 -4.28
N LEU A 228 -11.64 10.06 -5.38
CA LEU A 228 -12.24 9.90 -6.72
C LEU A 228 -12.54 8.41 -6.99
N ARG A 229 -11.60 7.50 -6.61
CA ARG A 229 -11.77 6.07 -6.86
C ARG A 229 -12.80 5.38 -6.00
N ILE A 230 -13.15 5.94 -4.83
CA ILE A 230 -14.14 5.30 -3.94
C ILE A 230 -15.51 5.98 -3.89
N PHE A 231 -15.64 7.17 -4.51
CA PHE A 231 -16.91 7.91 -4.49
C PHE A 231 -18.12 7.06 -4.89
N LYS A 232 -17.98 6.23 -5.97
CA LYS A 232 -19.08 5.36 -6.40
C LYS A 232 -19.55 4.41 -5.28
N ASP A 233 -18.61 3.88 -4.48
CA ASP A 233 -18.93 2.98 -3.37
C ASP A 233 -19.51 3.74 -2.20
N LEU A 234 -19.01 4.97 -1.95
CA LEU A 234 -19.53 5.80 -0.85
C LEU A 234 -21.01 6.13 -1.12
N GLN A 235 -21.34 6.51 -2.37
CA GLN A 235 -22.68 6.89 -2.85
C GLN A 235 -23.61 5.68 -2.68
N LYS A 236 -23.09 4.48 -3.03
CA LYS A 236 -23.85 3.23 -2.93
C LYS A 236 -24.18 2.91 -1.48
N MET A 237 -23.19 3.06 -0.57
CA MET A 237 -23.41 2.83 0.86
C MET A 237 -24.52 3.77 1.41
N ALA A 238 -24.44 5.06 1.09
CA ALA A 238 -25.44 6.05 1.56
C ALA A 238 -26.84 5.72 1.03
N GLU A 239 -26.94 5.21 -0.22
CA GLU A 239 -28.20 4.83 -0.88
C GLU A 239 -28.88 3.61 -0.18
N VAL A 240 -28.13 2.51 -0.01
CA VAL A 240 -28.64 1.26 0.60
C VAL A 240 -28.78 1.41 2.13
N GLY A 241 -28.01 2.33 2.70
CA GLY A 241 -28.03 2.59 4.13
C GLY A 241 -26.92 1.87 4.88
N TYR A 242 -26.30 2.56 5.81
CA TYR A 242 -25.20 2.01 6.61
C TYR A 242 -25.56 0.76 7.35
N ASP A 243 -24.72 -0.25 7.21
CA ASP A 243 -24.90 -1.54 7.87
C ASP A 243 -23.71 -1.73 8.79
N ARG A 244 -23.93 -1.63 10.12
CA ARG A 244 -22.82 -1.76 11.10
C ARG A 244 -22.17 -3.15 11.15
N ASN A 245 -22.80 -4.18 10.58
CA ASN A 245 -22.20 -5.52 10.57
C ASN A 245 -21.41 -5.76 9.27
N ASN A 246 -21.43 -4.76 8.35
CA ASN A 246 -20.75 -4.81 7.05
C ASN A 246 -19.36 -4.18 7.20
N LYS A 247 -18.32 -5.01 7.12
CA LYS A 247 -16.91 -4.60 7.22
C LYS A 247 -16.53 -3.59 6.15
N GLN A 248 -17.07 -3.72 4.92
CA GLN A 248 -16.77 -2.76 3.85
C GLN A 248 -17.33 -1.39 4.23
N HIS A 249 -18.53 -1.38 4.86
CA HIS A 249 -19.15 -0.13 5.30
C HIS A 249 -18.26 0.60 6.31
N HIS A 250 -17.65 -0.12 7.27
CA HIS A 250 -16.76 0.52 8.27
C HIS A 250 -15.56 1.18 7.57
N ARG A 251 -14.95 0.45 6.61
CA ARG A 251 -13.79 0.96 5.85
C ARG A 251 -14.19 2.21 5.07
N LEU A 252 -15.33 2.17 4.36
CA LEU A 252 -15.80 3.32 3.56
C LEU A 252 -16.16 4.50 4.44
N LEU A 253 -16.85 4.24 5.56
CA LEU A 253 -17.22 5.31 6.50
C LEU A 253 -15.97 6.01 7.02
N LEU A 254 -14.91 5.25 7.39
CA LEU A 254 -13.65 5.84 7.85
C LEU A 254 -13.04 6.77 6.79
N CYS A 255 -13.07 6.34 5.50
CA CYS A 255 -12.55 7.19 4.42
C CYS A 255 -13.35 8.50 4.33
N LEU A 256 -14.69 8.37 4.36
CA LEU A 256 -15.58 9.54 4.31
C LEU A 256 -15.35 10.47 5.49
N LEU A 257 -15.26 9.92 6.71
CA LEU A 257 -15.02 10.74 7.89
C LEU A 257 -13.68 11.45 7.80
N MET A 258 -12.64 10.72 7.37
CA MET A 258 -11.32 11.33 7.24
C MET A 258 -11.35 12.48 6.25
N THR A 259 -12.00 12.31 5.07
CA THR A 259 -12.04 13.43 4.12
C THR A 259 -12.86 14.58 4.69
N SER A 260 -13.92 14.29 5.46
N SER A 260 -13.91 14.27 5.50
CA SER A 260 -14.71 15.40 6.07
CA SER A 260 -14.77 15.27 6.18
C SER A 260 -13.84 16.16 7.09
C SER A 260 -13.98 16.07 7.22
N CYS A 261 -12.94 15.47 7.82
CA CYS A 261 -12.06 16.15 8.77
C CYS A 261 -11.08 17.01 8.01
N ASP A 262 -10.50 16.45 6.92
CA ASP A 262 -9.50 17.16 6.13
C ASP A 262 -10.04 18.44 5.51
N LEU A 263 -11.32 18.44 5.11
CA LEU A 263 -11.92 19.62 4.48
C LEU A 263 -12.80 20.45 5.39
N SER A 264 -12.76 20.19 6.71
CA SER A 264 -13.63 20.85 7.68
C SER A 264 -13.53 22.38 7.75
N ASP A 265 -12.46 23.00 7.23
CA ASP A 265 -12.46 24.47 7.25
C ASP A 265 -13.64 25.03 6.45
N GLN A 266 -14.14 24.24 5.48
CA GLN A 266 -15.26 24.66 4.62
C GLN A 266 -16.61 24.70 5.35
N THR A 267 -16.66 24.12 6.56
CA THR A 267 -17.87 24.03 7.38
C THR A 267 -17.96 25.17 8.37
N LYS A 268 -16.97 26.06 8.36
CA LYS A 268 -16.94 27.18 9.28
C LYS A 268 -17.61 28.38 8.63
N GLY A 269 -17.42 29.57 9.19
CA GLY A 269 -18.03 30.78 8.63
C GLY A 269 -17.25 31.31 7.45
N TRP A 270 -17.83 32.31 6.77
CA TRP A 270 -17.21 32.95 5.59
C TRP A 270 -15.77 33.43 5.82
N LYS A 271 -15.47 34.08 6.96
CA LYS A 271 -14.11 34.57 7.25
C LYS A 271 -13.10 33.42 7.25
N THR A 272 -13.49 32.27 7.83
CA THR A 272 -12.62 31.10 7.84
C THR A 272 -12.35 30.60 6.44
N THR A 273 -13.40 30.40 5.60
N THR A 273 -13.40 30.44 5.59
CA THR A 273 -13.19 29.88 4.23
CA THR A 273 -13.20 29.95 4.22
C THR A 273 -12.38 30.88 3.37
C THR A 273 -12.35 30.89 3.38
N ARG A 274 -12.56 32.21 3.55
CA ARG A 274 -11.80 33.24 2.82
C ARG A 274 -10.31 33.18 3.23
N LYS A 275 -10.03 33.15 4.54
CA LYS A 275 -8.67 33.06 5.07
C LYS A 275 -7.97 31.76 4.64
N ILE A 276 -8.68 30.62 4.67
CA ILE A 276 -8.05 29.36 4.27
C ILE A 276 -7.77 29.36 2.75
N ALA A 277 -8.63 30.04 1.94
CA ALA A 277 -8.35 30.13 0.51
C ALA A 277 -7.05 30.94 0.33
N GLU A 278 -6.83 32.00 1.14
CA GLU A 278 -5.61 32.82 1.07
C GLU A 278 -4.39 31.93 1.32
N LEU A 279 -4.46 31.09 2.36
CA LEU A 279 -3.38 30.17 2.75
C LEU A 279 -3.16 29.10 1.68
N ILE A 280 -4.24 28.42 1.26
CA ILE A 280 -4.17 27.37 0.23
C ILE A 280 -3.53 27.91 -1.05
N TYR A 281 -4.00 29.08 -1.56
CA TYR A 281 -3.47 29.59 -2.82
C TYR A 281 -2.08 30.23 -2.67
N LYS A 282 -1.72 30.79 -1.51
CA LYS A 282 -0.33 31.28 -1.34
C LYS A 282 0.58 30.05 -1.49
N GLU A 283 0.15 28.90 -0.90
CA GLU A 283 0.90 27.64 -0.98
C GLU A 283 0.99 27.09 -2.42
N PHE A 284 -0.15 26.93 -3.09
CA PHE A 284 -0.24 26.44 -4.45
C PHE A 284 0.57 27.29 -5.43
N PHE A 285 0.45 28.64 -5.31
CA PHE A 285 1.15 29.56 -6.24
C PHE A 285 2.66 29.47 -6.08
N SER A 286 3.13 29.23 -4.84
CA SER A 286 4.56 29.04 -4.58
C SER A 286 5.05 27.78 -5.32
N GLN A 287 4.26 26.67 -5.31
CA GLN A 287 4.61 25.47 -6.04
C GLN A 287 4.67 25.81 -7.55
N GLY A 288 3.67 26.54 -8.04
CA GLY A 288 3.62 26.95 -9.45
C GLY A 288 4.85 27.75 -9.87
N ASP A 289 5.31 28.66 -9.00
CA ASP A 289 6.51 29.48 -9.27
C ASP A 289 7.72 28.55 -9.41
N LEU A 290 7.84 27.58 -8.48
CA LEU A 290 8.92 26.59 -8.46
C LEU A 290 8.90 25.76 -9.74
N GLU A 291 7.70 25.40 -10.22
CA GLU A 291 7.54 24.61 -11.45
C GLU A 291 8.01 25.42 -12.67
N LYS A 292 7.72 26.72 -12.70
CA LYS A 292 8.15 27.62 -13.79
C LYS A 292 9.70 27.70 -13.81
N ALA A 293 10.31 27.78 -12.62
CA ALA A 293 11.78 27.81 -12.43
C ALA A 293 12.44 26.50 -12.91
N MET A 294 11.69 25.39 -12.90
CA MET A 294 12.13 24.07 -13.37
C MET A 294 11.93 23.94 -14.90
N GLY A 295 11.34 24.97 -15.51
CA GLY A 295 11.03 24.99 -16.93
C GLY A 295 9.79 24.17 -17.25
N ASN A 296 8.89 23.99 -16.26
CA ASN A 296 7.66 23.22 -16.44
C ASN A 296 6.43 24.13 -16.42
N ARG A 297 5.37 23.69 -17.07
CA ARG A 297 4.13 24.46 -17.14
C ARG A 297 3.24 23.98 -15.98
N PRO A 298 3.03 24.79 -14.90
CA PRO A 298 2.17 24.30 -13.81
C PRO A 298 0.71 24.24 -14.25
N MET A 299 -0.12 23.44 -13.53
CA MET A 299 -1.54 23.39 -13.84
C MET A 299 -2.14 24.75 -13.43
N GLU A 300 -3.27 25.14 -14.03
CA GLU A 300 -3.95 26.42 -13.80
C GLU A 300 -4.05 26.83 -12.30
N MET A 301 -4.55 25.90 -11.46
CA MET A 301 -4.75 26.06 -10.00
C MET A 301 -3.51 26.50 -9.24
N MET A 302 -2.32 26.13 -9.75
CA MET A 302 -1.00 26.42 -9.16
C MET A 302 -0.33 27.63 -9.79
N ASP A 303 -0.94 28.16 -10.87
CA ASP A 303 -0.36 29.28 -11.60
C ASP A 303 -0.98 30.62 -11.22
N ARG A 304 -0.22 31.47 -10.50
CA ARG A 304 -0.71 32.78 -10.06
C ARG A 304 -1.12 33.71 -11.22
N GLU A 305 -0.58 33.44 -12.43
CA GLU A 305 -0.88 34.22 -13.63
C GLU A 305 -2.09 33.71 -14.39
N LYS A 306 -2.61 32.50 -14.02
CA LYS A 306 -3.78 31.88 -14.67
C LYS A 306 -4.97 31.62 -13.75
N ALA A 307 -4.68 31.35 -12.46
CA ALA A 307 -5.72 30.99 -11.50
C ALA A 307 -6.73 32.08 -11.15
N TYR A 308 -8.03 31.73 -11.21
CA TYR A 308 -9.08 32.64 -10.76
C TYR A 308 -9.63 31.96 -9.49
N ILE A 309 -9.23 32.44 -8.30
CA ILE A 309 -9.56 31.79 -7.02
C ILE A 309 -11.08 31.52 -6.85
N PRO A 310 -12.01 32.49 -7.00
CA PRO A 310 -13.44 32.15 -6.80
C PRO A 310 -13.93 31.00 -7.67
N GLU A 311 -13.60 31.01 -9.00
CA GLU A 311 -13.98 29.94 -9.94
C GLU A 311 -13.48 28.57 -9.45
N LEU A 312 -12.18 28.52 -9.10
CA LEU A 312 -11.55 27.29 -8.62
C LEU A 312 -12.17 26.84 -7.30
N GLN A 313 -12.49 27.80 -6.41
CA GLN A 313 -13.14 27.45 -5.13
C GLN A 313 -14.56 26.93 -5.36
N ILE A 314 -15.32 27.53 -6.31
CA ILE A 314 -16.69 27.05 -6.60
C ILE A 314 -16.58 25.62 -7.12
N SER A 315 -15.66 25.36 -8.06
CA SER A 315 -15.48 24.02 -8.65
C SER A 315 -15.11 22.99 -7.56
N PHE A 316 -14.18 23.37 -6.66
CA PHE A 316 -13.77 22.53 -5.55
C PHE A 316 -14.97 22.24 -4.61
N MET A 317 -15.76 23.27 -4.26
CA MET A 317 -16.94 23.11 -3.40
C MET A 317 -17.97 22.21 -4.05
N GLU A 318 -18.28 22.43 -5.37
CA GLU A 318 -19.28 21.63 -6.08
C GLU A 318 -18.86 20.19 -6.30
N HIS A 319 -17.61 19.96 -6.69
CA HIS A 319 -17.22 18.58 -6.99
C HIS A 319 -16.69 17.78 -5.81
N ILE A 320 -15.98 18.44 -4.91
CA ILE A 320 -15.33 17.72 -3.81
C ILE A 320 -15.99 17.91 -2.46
N ALA A 321 -16.00 19.14 -1.91
CA ALA A 321 -16.50 19.35 -0.57
C ALA A 321 -17.98 19.11 -0.36
N MET A 322 -18.86 19.73 -1.19
CA MET A 322 -20.32 19.57 -0.99
C MET A 322 -20.76 18.11 -1.07
N PRO A 323 -20.34 17.29 -2.07
CA PRO A 323 -20.78 15.87 -2.08
C PRO A 323 -20.33 15.08 -0.84
N ILE A 324 -19.14 15.40 -0.28
CA ILE A 324 -18.67 14.74 0.93
C ILE A 324 -19.63 15.05 2.10
N TYR A 325 -19.95 16.34 2.31
CA TYR A 325 -20.84 16.73 3.42
C TYR A 325 -22.29 16.26 3.20
N LYS A 326 -22.71 16.13 1.92
CA LYS A 326 -24.06 15.61 1.61
C LYS A 326 -24.09 14.13 1.98
N LEU A 327 -23.02 13.39 1.69
CA LEU A 327 -22.98 11.97 2.05
C LEU A 327 -22.96 11.86 3.58
N LEU A 328 -22.24 12.78 4.26
CA LEU A 328 -22.20 12.75 5.72
C LEU A 328 -23.63 13.00 6.30
N GLN A 329 -24.37 13.97 5.72
CA GLN A 329 -25.75 14.29 6.15
C GLN A 329 -26.67 13.07 5.90
N ASP A 330 -26.48 12.37 4.77
CA ASP A 330 -27.30 11.18 4.46
C ASP A 330 -27.13 10.07 5.49
N LEU A 331 -25.92 9.90 5.99
CA LEU A 331 -25.64 8.87 6.97
C LEU A 331 -25.91 9.33 8.39
N PHE A 332 -25.76 10.64 8.63
CA PHE A 332 -25.93 11.23 9.97
C PHE A 332 -26.77 12.47 9.84
N PRO A 333 -28.11 12.39 10.00
CA PRO A 333 -28.95 13.61 9.85
C PRO A 333 -28.50 14.80 10.70
N LYS A 334 -27.84 14.53 11.83
CA LYS A 334 -27.32 15.56 12.74
C LYS A 334 -26.19 16.36 12.10
N ALA A 335 -25.68 15.91 10.95
CA ALA A 335 -24.61 16.61 10.23
C ALA A 335 -25.18 17.58 9.18
N ALA A 336 -26.52 17.76 9.13
CA ALA A 336 -27.16 18.65 8.15
C ALA A 336 -26.62 20.06 8.22
N GLU A 337 -26.35 20.54 9.45
CA GLU A 337 -25.83 21.90 9.62
C GLU A 337 -24.48 22.11 8.92
N LEU A 338 -23.68 21.03 8.78
CA LEU A 338 -22.37 21.12 8.12
C LEU A 338 -22.56 21.30 6.63
N TYR A 339 -23.43 20.48 6.00
CA TYR A 339 -23.69 20.59 4.58
C TYR A 339 -24.25 21.99 4.25
N GLU A 340 -25.18 22.50 5.10
CA GLU A 340 -25.78 23.80 4.86
C GLU A 340 -24.74 24.92 4.87
N ARG A 341 -23.75 24.83 5.76
CA ARG A 341 -22.67 25.81 5.86
C ARG A 341 -21.75 25.77 4.65
N VAL A 342 -21.45 24.56 4.17
CA VAL A 342 -20.60 24.40 2.98
C VAL A 342 -21.34 24.98 1.77
N ALA A 343 -22.64 24.66 1.63
CA ALA A 343 -23.47 25.18 0.53
C ALA A 343 -23.51 26.72 0.57
N SER A 344 -23.65 27.30 1.77
CA SER A 344 -23.69 28.75 1.99
C SER A 344 -22.34 29.37 1.61
N ASN A 345 -21.21 28.71 1.93
CA ASN A 345 -19.89 29.25 1.56
C ASN A 345 -19.69 29.18 0.06
N ARG A 346 -20.21 28.13 -0.59
CA ARG A 346 -20.14 28.03 -2.04
C ARG A 346 -20.92 29.21 -2.65
N GLU A 347 -22.14 29.51 -2.12
CA GLU A 347 -22.96 30.62 -2.62
C GLU A 347 -22.21 31.94 -2.48
N HIS A 348 -21.46 32.11 -1.38
CA HIS A 348 -20.68 33.32 -1.13
C HIS A 348 -19.59 33.48 -2.19
N TRP A 349 -18.89 32.37 -2.60
CA TRP A 349 -17.86 32.42 -3.64
C TRP A 349 -18.49 32.85 -4.99
N THR A 350 -19.70 32.35 -5.31
CA THR A 350 -20.40 32.73 -6.56
C THR A 350 -20.75 34.21 -6.58
N LYS A 351 -21.18 34.78 -5.44
CA LYS A 351 -21.52 36.21 -5.34
C LYS A 351 -20.24 37.01 -5.55
N VAL A 352 -19.16 36.62 -4.84
CA VAL A 352 -17.83 37.21 -4.87
C VAL A 352 -17.19 37.11 -6.27
N SER A 353 -17.54 36.07 -7.07
CA SER A 353 -16.99 35.88 -8.42
C SER A 353 -17.43 36.98 -9.44
N HIS A 354 -17.81 38.17 -8.94
CA HIS A 354 -18.20 39.41 -9.63
C HIS A 354 -17.43 40.58 -8.97
N LYS A 355 -17.29 40.54 -7.62
CA LYS A 355 -16.56 41.52 -6.80
C LYS A 355 -15.03 41.23 -6.88
N PHE A 356 -14.69 40.14 -7.57
CA PHE A 356 -13.34 39.64 -7.84
C PHE A 356 -13.17 39.68 -9.36
N THR A 357 -12.11 40.33 -9.81
CA THR A 357 -11.81 40.51 -11.23
C THR A 357 -10.39 40.04 -11.55
N ILE A 358 -9.53 39.96 -10.52
CA ILE A 358 -8.14 39.61 -10.67
C ILE A 358 -7.85 38.12 -10.57
N ARG A 359 -6.73 37.74 -11.17
CA ARG A 359 -6.17 36.41 -11.16
C ARG A 359 -5.19 36.41 -10.01
N GLY A 360 -4.90 35.22 -9.48
CA GLY A 360 -3.97 35.09 -8.37
C GLY A 360 -4.42 35.80 -7.10
N LEU A 361 -3.45 36.30 -6.37
CA LEU A 361 -3.71 37.05 -5.14
C LEU A 361 -3.10 38.45 -5.25
N PRO A 362 -3.61 39.46 -4.52
CA PRO A 362 -2.97 40.80 -4.57
C PRO A 362 -1.55 40.75 -3.99
N SER A 363 -0.76 41.82 -4.16
CA SER A 363 0.63 41.93 -3.67
C SER A 363 0.84 41.49 -2.20
N ASN A 364 -0.11 41.85 -1.31
CA ASN A 364 -0.05 41.52 0.12
C ASN A 364 -0.61 40.11 0.47
N ASN A 365 -1.11 39.36 -0.53
CA ASN A 365 -1.69 38.01 -0.41
C ASN A 365 -2.97 37.96 0.41
N SER A 366 -3.71 39.08 0.47
CA SER A 366 -4.96 39.13 1.24
C SER A 366 -6.22 39.18 0.38
N LEU A 367 -7.25 38.46 0.81
CA LEU A 367 -8.55 38.43 0.15
C LEU A 367 -9.56 39.38 0.82
N ASP A 368 -9.05 40.32 1.66
CA ASP A 368 -9.86 41.31 2.38
C ASP A 368 -10.66 42.24 1.46
N PHE A 369 -10.22 42.40 0.18
CA PHE A 369 -10.89 43.24 -0.82
C PHE A 369 -12.30 42.69 -1.24
N LEU A 370 -12.85 41.74 -0.45
CA LEU A 370 -14.16 41.13 -0.69
C LEU A 370 -15.09 41.32 0.51
N LEU B 16 -17.20 -26.48 -15.24
CA LEU B 16 -17.04 -25.35 -14.32
C LEU B 16 -16.55 -25.77 -12.93
N SER B 17 -16.67 -27.07 -12.59
CA SER B 17 -16.22 -27.64 -11.32
C SER B 17 -14.66 -27.59 -11.23
N THR B 18 -14.00 -27.46 -12.39
CA THR B 18 -12.53 -27.38 -12.46
C THR B 18 -12.06 -26.04 -11.86
N SER B 19 -13.01 -25.08 -11.65
CA SER B 19 -12.68 -23.77 -11.07
C SER B 19 -12.76 -23.83 -9.55
N LEU B 20 -13.16 -25.01 -9.00
CA LEU B 20 -13.22 -25.18 -7.55
C LEU B 20 -11.84 -25.62 -7.06
N TYR B 21 -11.17 -24.73 -6.28
CA TYR B 21 -9.83 -24.94 -5.71
C TYR B 21 -9.96 -24.79 -4.19
N LYS B 22 -9.76 -25.88 -3.44
CA LYS B 22 -9.91 -25.91 -1.98
C LYS B 22 -8.76 -25.44 -1.16
N LYS B 23 -9.08 -25.06 0.09
CA LYS B 23 -8.12 -24.68 1.11
C LYS B 23 -8.11 -25.92 2.02
N ALA B 24 -6.92 -26.44 2.39
CA ALA B 24 -6.85 -27.65 3.22
C ALA B 24 -7.25 -27.40 4.67
N GLY B 25 -7.11 -26.16 5.12
CA GLY B 25 -7.45 -25.78 6.49
C GLY B 25 -8.04 -24.39 6.60
N PHE B 26 -7.90 -23.78 7.78
CA PHE B 26 -8.40 -22.45 8.08
C PHE B 26 -7.33 -21.41 8.34
N ASP B 27 -7.65 -20.15 8.01
CA ASP B 27 -6.74 -19.02 8.25
C ASP B 27 -6.81 -18.66 9.74
N GLU B 35 3.68 -33.81 11.27
CA GLU B 35 3.87 -32.70 10.35
C GLU B 35 4.93 -31.69 10.82
N TYR B 36 4.81 -31.18 12.06
CA TYR B 36 5.72 -30.19 12.64
C TYR B 36 6.83 -30.82 13.49
N THR B 37 6.48 -31.72 14.43
CA THR B 37 7.43 -32.40 15.30
C THR B 37 8.27 -33.34 14.43
N LYS B 38 7.60 -33.97 13.42
CA LYS B 38 8.20 -34.87 12.45
C LYS B 38 9.14 -34.11 11.52
N LEU B 39 8.87 -32.80 11.28
CA LEU B 39 9.70 -31.96 10.42
C LEU B 39 11.09 -31.74 10.99
N LEU B 40 11.22 -31.44 12.28
CA LEU B 40 12.53 -31.18 12.91
C LEU B 40 13.15 -32.38 13.66
N HIS B 41 12.53 -33.57 13.59
CA HIS B 41 13.00 -34.79 14.26
C HIS B 41 14.49 -35.12 14.04
N ASP B 42 14.97 -35.00 12.78
CA ASP B 42 16.37 -35.29 12.43
C ASP B 42 17.20 -34.03 12.09
N GLY B 43 16.75 -32.87 12.57
CA GLY B 43 17.42 -31.60 12.33
C GLY B 43 17.26 -31.12 10.89
N ILE B 44 17.87 -29.97 10.58
CA ILE B 44 17.82 -29.37 9.24
C ILE B 44 18.85 -30.06 8.36
N GLN B 45 18.37 -30.58 7.23
CA GLN B 45 19.19 -31.29 6.28
C GLN B 45 20.08 -30.33 5.48
N PRO B 46 21.41 -30.56 5.38
CA PRO B 46 22.25 -29.66 4.55
C PRO B 46 21.77 -29.72 3.08
N VAL B 47 21.80 -28.58 2.35
CA VAL B 47 21.34 -28.50 0.96
C VAL B 47 21.95 -29.58 0.07
N ALA B 48 23.25 -29.90 0.23
CA ALA B 48 23.83 -30.94 -0.62
C ALA B 48 23.24 -32.32 -0.36
N ALA B 49 22.72 -32.56 0.85
CA ALA B 49 22.13 -33.88 1.16
C ALA B 49 20.74 -33.98 0.51
N ILE B 50 20.10 -32.82 0.20
CA ILE B 50 18.82 -32.84 -0.53
C ILE B 50 19.15 -33.25 -1.97
N ASP B 51 20.09 -32.53 -2.59
CA ASP B 51 20.55 -32.83 -3.94
C ASP B 51 21.87 -32.19 -4.20
N SER B 52 22.84 -32.93 -4.84
CA SER B 52 24.14 -32.33 -5.17
C SER B 52 24.02 -31.14 -6.15
N ASN B 53 22.94 -31.09 -6.94
CA ASN B 53 22.70 -30.05 -7.93
C ASN B 53 21.76 -28.96 -7.37
N PHE B 54 21.45 -28.98 -6.08
CA PHE B 54 20.46 -28.07 -5.45
C PHE B 54 20.73 -26.60 -5.61
N ALA B 55 22.02 -26.22 -5.65
CA ALA B 55 22.39 -24.80 -5.79
C ALA B 55 22.73 -24.42 -7.22
N SER B 56 22.29 -25.23 -8.20
CA SER B 56 22.56 -24.97 -9.61
C SER B 56 21.35 -24.47 -10.40
N PHE B 57 21.61 -23.58 -11.40
CA PHE B 57 20.57 -23.07 -12.31
C PHE B 57 19.93 -24.25 -13.12
N THR B 58 20.56 -25.44 -13.14
CA THR B 58 19.99 -26.61 -13.84
C THR B 58 19.10 -27.48 -12.96
N TYR B 59 18.89 -27.06 -11.71
CA TYR B 59 18.01 -27.83 -10.85
C TYR B 59 16.57 -27.44 -11.12
N THR B 60 15.65 -28.42 -11.19
CA THR B 60 14.22 -28.19 -11.42
C THR B 60 13.51 -28.45 -10.07
N PRO B 61 13.21 -27.38 -9.32
CA PRO B 61 12.61 -27.57 -7.98
C PRO B 61 11.29 -28.32 -7.95
N ARG B 62 10.53 -28.33 -9.07
CA ARG B 62 9.26 -29.05 -9.14
C ARG B 62 9.43 -30.56 -9.11
N SER B 63 10.68 -31.05 -9.28
CA SER B 63 11.02 -32.47 -9.23
C SER B 63 11.08 -32.96 -7.78
N LEU B 64 11.28 -32.03 -6.81
CA LEU B 64 11.36 -32.36 -5.39
C LEU B 64 9.98 -32.75 -4.87
N PRO B 65 9.87 -33.92 -4.21
CA PRO B 65 8.55 -34.35 -3.68
C PRO B 65 7.96 -33.26 -2.79
N GLU B 66 6.66 -32.99 -2.96
CA GLU B 66 5.97 -31.95 -2.19
C GLU B 66 6.19 -32.06 -0.69
N ASP B 67 6.17 -33.30 -0.16
CA ASP B 67 6.41 -33.63 1.26
C ASP B 67 7.83 -33.26 1.76
N ASP B 68 8.78 -33.02 0.83
CA ASP B 68 10.17 -32.64 1.16
C ASP B 68 10.40 -31.13 1.08
N THR B 69 9.43 -30.36 0.55
CA THR B 69 9.61 -28.92 0.31
C THR B 69 9.76 -28.08 1.56
N SER B 70 9.00 -28.40 2.63
CA SER B 70 9.11 -27.63 3.89
C SER B 70 10.52 -27.73 4.46
N MET B 71 11.08 -28.95 4.45
CA MET B 71 12.46 -29.17 4.92
C MET B 71 13.43 -28.41 4.01
N ALA B 72 13.16 -28.34 2.69
CA ALA B 72 14.07 -27.65 1.76
C ALA B 72 14.07 -26.15 2.01
N ILE B 73 12.92 -25.58 2.45
CA ILE B 73 12.88 -24.15 2.77
C ILE B 73 13.82 -23.91 3.96
N LEU B 74 13.72 -24.70 5.04
CA LEU B 74 14.59 -24.58 6.21
C LEU B 74 16.08 -24.74 5.83
N SER B 75 16.39 -25.73 4.95
CA SER B 75 17.75 -25.96 4.45
C SER B 75 18.32 -24.76 3.73
N MET B 76 17.49 -24.10 2.88
CA MET B 76 17.96 -22.93 2.15
C MET B 76 18.22 -21.79 3.09
N LEU B 77 17.30 -21.55 4.01
CA LEU B 77 17.47 -20.46 4.98
C LEU B 77 18.73 -20.68 5.83
N GLN B 78 19.01 -21.93 6.17
CA GLN B 78 20.23 -22.27 6.94
C GLN B 78 21.49 -22.04 6.07
N ASP B 79 21.45 -22.47 4.77
CA ASP B 79 22.61 -22.34 3.88
C ASP B 79 22.96 -20.89 3.57
N MET B 80 21.94 -20.03 3.56
CA MET B 80 22.10 -18.59 3.33
C MET B 80 22.48 -17.92 4.65
N ASN B 81 22.62 -18.71 5.73
CA ASN B 81 22.99 -18.26 7.10
C ASN B 81 21.96 -17.33 7.78
N PHE B 82 20.71 -17.29 7.27
CA PHE B 82 19.68 -16.43 7.87
C PHE B 82 19.16 -16.92 9.20
N ILE B 83 19.10 -18.24 9.41
CA ILE B 83 18.63 -18.74 10.71
C ILE B 83 19.65 -18.27 11.80
N ASN B 84 20.95 -18.42 11.54
CA ASN B 84 21.98 -17.99 12.49
C ASN B 84 22.02 -16.47 12.62
N ASN B 85 22.10 -15.73 11.49
CA ASN B 85 22.17 -14.25 11.54
C ASN B 85 21.00 -13.58 12.24
N TYR B 86 19.77 -14.07 11.99
CA TYR B 86 18.57 -13.46 12.56
C TYR B 86 18.02 -14.20 13.77
N LYS B 87 18.77 -15.21 14.26
CA LYS B 87 18.46 -16.03 15.44
C LYS B 87 17.04 -16.59 15.37
N ILE B 88 16.67 -17.14 14.21
CA ILE B 88 15.35 -17.68 13.93
C ILE B 88 15.13 -18.95 14.69
N ASP B 89 14.08 -18.98 15.51
CA ASP B 89 13.71 -20.16 16.28
C ASP B 89 13.25 -21.20 15.27
N CYS B 90 13.94 -22.33 15.22
CA CYS B 90 13.65 -23.37 14.24
C CYS B 90 12.22 -23.94 14.35
N PRO B 91 11.67 -24.28 15.54
CA PRO B 91 10.26 -24.74 15.58
C PRO B 91 9.28 -23.68 15.05
N THR B 92 9.54 -22.37 15.32
CA THR B 92 8.69 -21.26 14.84
C THR B 92 8.79 -21.23 13.30
N LEU B 93 10.02 -21.38 12.75
CA LEU B 93 10.25 -21.39 11.31
C LEU B 93 9.53 -22.58 10.64
N ALA B 94 9.58 -23.76 11.28
CA ALA B 94 8.92 -24.98 10.80
C ALA B 94 7.41 -24.73 10.78
N ARG B 95 6.84 -24.18 11.88
CA ARG B 95 5.39 -23.88 11.93
C ARG B 95 5.01 -22.85 10.84
N PHE B 96 5.79 -21.77 10.71
CA PHE B 96 5.57 -20.74 9.69
C PHE B 96 5.56 -21.35 8.28
N CYS B 97 6.58 -22.17 7.96
N CYS B 97 6.60 -22.13 7.97
CA CYS B 97 6.71 -22.84 6.66
CA CYS B 97 6.68 -22.75 6.65
C CYS B 97 5.49 -23.66 6.34
C CYS B 97 5.47 -23.62 6.35
N LEU B 98 5.04 -24.44 7.33
CA LEU B 98 3.85 -25.31 7.16
C LEU B 98 2.56 -24.51 7.00
N MET B 99 2.43 -23.38 7.71
CA MET B 99 1.26 -22.50 7.62
C MET B 99 1.24 -21.85 6.24
N VAL B 100 2.42 -21.43 5.74
CA VAL B 100 2.50 -20.83 4.40
C VAL B 100 2.09 -21.86 3.34
N LYS B 101 2.62 -23.09 3.44
CA LYS B 101 2.31 -24.16 2.51
C LYS B 101 0.81 -24.41 2.52
N LYS B 102 0.19 -24.52 3.72
CA LYS B 102 -1.24 -24.77 3.87
C LYS B 102 -2.07 -23.58 3.34
N GLY B 103 -1.45 -22.41 3.21
CA GLY B 103 -2.10 -21.18 2.78
C GLY B 103 -2.36 -21.08 1.28
N TYR B 104 -1.86 -22.04 0.50
CA TYR B 104 -2.10 -22.05 -0.95
C TYR B 104 -3.26 -23.02 -1.24
N ARG B 105 -4.07 -22.70 -2.25
CA ARG B 105 -5.16 -23.58 -2.71
C ARG B 105 -4.56 -24.52 -3.78
N ASP B 106 -5.40 -25.30 -4.50
CA ASP B 106 -4.85 -26.25 -5.46
C ASP B 106 -5.21 -25.96 -6.96
N PRO B 107 -5.07 -24.72 -7.48
CA PRO B 107 -5.27 -24.51 -8.92
C PRO B 107 -4.11 -25.16 -9.68
N PRO B 108 -4.23 -25.36 -11.02
CA PRO B 108 -3.15 -26.01 -11.78
C PRO B 108 -1.78 -25.34 -11.65
N TYR B 109 -1.75 -24.01 -11.64
CA TYR B 109 -0.47 -23.31 -11.53
C TYR B 109 -0.20 -22.60 -10.20
N HIS B 110 -1.10 -21.73 -9.74
CA HIS B 110 -0.88 -20.93 -8.55
C HIS B 110 -1.09 -21.67 -7.22
N ASN B 111 -0.26 -22.69 -7.02
CA ASN B 111 -0.28 -23.54 -5.83
C ASN B 111 1.06 -23.47 -5.08
N TRP B 112 1.19 -24.21 -3.96
CA TRP B 112 2.41 -24.20 -3.17
C TRP B 112 3.65 -24.57 -3.99
N MET B 113 3.58 -25.58 -4.89
CA MET B 113 4.78 -25.91 -5.71
C MET B 113 5.28 -24.72 -6.52
N HIS B 114 4.36 -23.81 -6.95
CA HIS B 114 4.79 -22.60 -7.63
C HIS B 114 5.57 -21.73 -6.62
N ALA B 115 4.99 -21.44 -5.40
CA ALA B 115 5.69 -20.62 -4.40
C ALA B 115 7.03 -21.26 -4.05
N PHE B 116 7.07 -22.58 -3.90
CA PHE B 116 8.33 -23.29 -3.58
C PHE B 116 9.40 -23.07 -4.67
N SER B 117 9.02 -23.24 -5.94
N SER B 117 9.00 -23.22 -5.93
CA SER B 117 9.93 -23.07 -7.07
CA SER B 117 9.89 -23.04 -7.07
C SER B 117 10.44 -21.63 -7.18
C SER B 117 10.43 -21.63 -7.12
N VAL B 118 9.59 -20.65 -6.85
CA VAL B 118 9.96 -19.21 -6.87
C VAL B 118 11.00 -18.96 -5.76
N SER B 119 10.73 -19.49 -4.55
CA SER B 119 11.65 -19.39 -3.37
C SER B 119 12.99 -20.04 -3.69
N HIS B 120 12.97 -21.24 -4.31
CA HIS B 120 14.20 -21.90 -4.72
C HIS B 120 15.04 -21.01 -5.64
N PHE B 121 14.40 -20.35 -6.64
CA PHE B 121 15.11 -19.50 -7.56
C PHE B 121 15.76 -18.32 -6.82
N CYS B 122 15.07 -17.79 -5.80
CA CYS B 122 15.68 -16.69 -5.00
C CYS B 122 17.00 -17.22 -4.37
N TYR B 123 16.95 -18.47 -3.84
CA TYR B 123 18.11 -19.14 -3.26
C TYR B 123 19.20 -19.30 -4.35
N LEU B 124 18.82 -19.70 -5.57
CA LEU B 124 19.78 -19.83 -6.69
C LEU B 124 20.44 -18.48 -6.98
N LEU B 125 19.67 -17.39 -7.00
CA LEU B 125 20.26 -16.06 -7.27
C LEU B 125 21.30 -15.70 -6.17
N TYR B 126 20.97 -16.01 -4.94
CA TYR B 126 21.88 -15.76 -3.81
C TYR B 126 23.21 -16.51 -3.98
N LYS B 127 23.15 -17.81 -4.30
CA LYS B 127 24.33 -18.65 -4.45
C LYS B 127 25.19 -18.40 -5.68
N ASN B 128 24.56 -18.04 -6.79
CA ASN B 128 25.20 -17.90 -8.09
C ASN B 128 25.54 -16.50 -8.50
N LEU B 129 24.73 -15.52 -8.07
CA LEU B 129 24.95 -14.11 -8.43
C LEU B 129 25.69 -13.33 -7.34
N GLU B 130 25.95 -13.97 -6.21
CA GLU B 130 26.65 -13.37 -5.05
C GLU B 130 25.91 -12.10 -4.59
N LEU B 131 24.58 -12.22 -4.39
CA LEU B 131 23.71 -11.12 -3.98
C LEU B 131 24.19 -10.37 -2.73
N THR B 132 24.96 -11.05 -1.82
CA THR B 132 25.50 -10.41 -0.60
C THR B 132 26.41 -9.23 -0.92
N ASN B 133 26.90 -9.15 -2.17
CA ASN B 133 27.77 -8.04 -2.57
C ASN B 133 26.97 -6.89 -3.18
N TYR B 134 25.64 -7.04 -3.30
CA TYR B 134 24.77 -6.03 -3.91
C TYR B 134 23.65 -5.54 -2.98
N LEU B 135 23.11 -6.45 -2.17
CA LEU B 135 22.01 -6.14 -1.25
C LEU B 135 22.38 -6.38 0.20
N GLU B 136 21.65 -5.70 1.12
CA GLU B 136 21.79 -5.85 2.56
C GLU B 136 21.23 -7.24 2.89
N ASP B 137 21.74 -7.89 3.95
CA ASP B 137 21.30 -9.20 4.41
C ASP B 137 19.79 -9.26 4.60
N ILE B 138 19.22 -8.27 5.34
CA ILE B 138 17.77 -8.15 5.64
C ILE B 138 16.91 -8.09 4.39
N GLU B 139 17.44 -7.45 3.33
CA GLU B 139 16.72 -7.27 2.06
C GLU B 139 16.64 -8.63 1.34
N ILE B 140 17.73 -9.40 1.34
CA ILE B 140 17.73 -10.72 0.70
C ILE B 140 16.78 -11.66 1.47
N PHE B 141 16.83 -11.59 2.81
CA PHE B 141 15.96 -12.43 3.65
C PHE B 141 14.48 -12.08 3.37
N ALA B 142 14.16 -10.78 3.30
CA ALA B 142 12.80 -10.30 2.98
C ALA B 142 12.37 -10.82 1.59
N LEU B 143 13.29 -10.81 0.61
CA LEU B 143 13.00 -11.30 -0.74
C LEU B 143 12.64 -12.78 -0.68
N PHE B 144 13.43 -13.58 0.02
CA PHE B 144 13.17 -15.03 0.12
C PHE B 144 11.81 -15.30 0.75
N ILE B 145 11.51 -14.66 1.92
CA ILE B 145 10.22 -14.84 2.60
C ILE B 145 9.07 -14.38 1.70
N SER B 146 9.27 -13.24 1.02
CA SER B 146 8.26 -12.72 0.09
C SER B 146 7.99 -13.75 -0.98
N CYS B 147 9.05 -14.43 -1.54
CA CYS B 147 8.83 -15.47 -2.55
C CYS B 147 7.88 -16.55 -2.01
N MET B 148 8.12 -17.00 -0.80
CA MET B 148 7.30 -18.05 -0.21
C MET B 148 5.83 -17.65 -0.11
N CYS B 149 5.59 -16.38 0.24
CA CYS B 149 4.25 -15.82 0.48
C CYS B 149 3.56 -15.15 -0.68
N HIS B 150 4.28 -14.84 -1.76
CA HIS B 150 3.83 -13.90 -2.81
C HIS B 150 2.51 -14.22 -3.54
N ASP B 151 2.02 -15.48 -3.51
CA ASP B 151 0.74 -15.85 -4.16
C ASP B 151 -0.23 -16.52 -3.16
N LEU B 152 -0.02 -16.29 -1.85
CA LEU B 152 -0.87 -16.92 -0.84
C LEU B 152 -2.36 -16.80 -1.10
N ASP B 153 -3.08 -17.92 -1.04
CA ASP B 153 -4.55 -17.94 -1.17
C ASP B 153 -5.05 -17.55 -2.56
N HIS B 154 -4.18 -17.70 -3.58
CA HIS B 154 -4.55 -17.43 -4.96
C HIS B 154 -5.74 -18.32 -5.33
N ARG B 155 -6.73 -17.75 -6.04
CA ARG B 155 -7.95 -18.48 -6.42
C ARG B 155 -7.93 -19.01 -7.86
N GLY B 156 -6.78 -18.94 -8.54
CA GLY B 156 -6.68 -19.38 -9.92
C GLY B 156 -7.38 -18.41 -10.86
N THR B 157 -7.59 -17.15 -10.38
CA THR B 157 -8.18 -16.06 -11.17
C THR B 157 -7.30 -14.84 -11.02
N ASN B 158 -7.34 -13.96 -12.02
CA ASN B 158 -6.53 -12.75 -12.05
C ASN B 158 -7.24 -11.59 -11.36
N ASN B 159 -6.62 -10.41 -11.32
CA ASN B 159 -7.22 -9.24 -10.68
C ASN B 159 -8.52 -8.79 -11.32
N SER B 160 -8.57 -8.77 -12.67
CA SER B 160 -9.79 -8.37 -13.40
C SER B 160 -10.98 -9.23 -13.03
N PHE B 161 -10.78 -10.55 -12.87
CA PHE B 161 -11.86 -11.45 -12.48
C PHE B 161 -12.40 -11.03 -11.09
N GLN B 162 -11.52 -10.60 -10.18
CA GLN B 162 -11.96 -10.21 -8.85
C GLN B 162 -12.97 -9.06 -8.91
N VAL B 163 -12.71 -8.09 -9.77
CA VAL B 163 -13.60 -6.95 -9.99
C VAL B 163 -14.92 -7.41 -10.63
N ALA B 164 -14.83 -8.18 -11.73
CA ALA B 164 -15.98 -8.70 -12.50
C ALA B 164 -16.94 -9.57 -11.70
N SER B 165 -16.39 -10.40 -10.78
CA SER B 165 -17.17 -11.29 -9.92
C SER B 165 -17.64 -10.56 -8.66
N LYS B 166 -17.24 -9.28 -8.49
CA LYS B 166 -17.62 -8.42 -7.35
C LYS B 166 -17.32 -9.14 -6.01
N SER B 167 -16.10 -9.69 -5.93
CA SER B 167 -15.58 -10.46 -4.81
C SER B 167 -15.27 -9.61 -3.61
N VAL B 168 -15.13 -10.26 -2.44
CA VAL B 168 -14.76 -9.62 -1.18
C VAL B 168 -13.39 -8.97 -1.37
N LEU B 169 -12.48 -9.64 -2.14
CA LEU B 169 -11.15 -9.10 -2.39
C LEU B 169 -11.18 -7.80 -3.17
N ALA B 170 -12.03 -7.71 -4.19
CA ALA B 170 -12.14 -6.49 -5.00
C ALA B 170 -12.74 -5.34 -4.13
N ALA B 171 -13.70 -5.68 -3.26
CA ALA B 171 -14.33 -4.70 -2.36
C ALA B 171 -13.27 -4.05 -1.43
N LEU B 172 -12.37 -4.88 -0.92
CA LEU B 172 -11.29 -4.52 0.00
C LEU B 172 -10.16 -3.78 -0.66
N TYR B 173 -9.70 -4.26 -1.84
CA TYR B 173 -8.50 -3.66 -2.45
C TYR B 173 -8.57 -2.98 -3.80
N SER B 174 -9.66 -3.07 -4.60
CA SER B 174 -9.62 -2.43 -5.91
C SER B 174 -9.28 -0.93 -5.83
N SER B 175 -9.78 -0.24 -4.77
CA SER B 175 -9.52 1.18 -4.49
C SER B 175 -8.05 1.51 -4.25
N GLU B 176 -7.24 0.53 -3.78
CA GLU B 176 -5.81 0.77 -3.56
C GLU B 176 -4.92 0.09 -4.60
N GLY B 177 -5.52 -0.55 -5.61
CA GLY B 177 -4.84 -1.26 -6.70
C GLY B 177 -4.23 -2.61 -6.33
N SER B 178 -3.82 -3.43 -7.35
CA SER B 178 -3.17 -4.76 -7.23
C SER B 178 -3.94 -5.69 -6.28
N VAL B 179 -5.22 -5.95 -6.58
CA VAL B 179 -6.11 -6.73 -5.72
C VAL B 179 -5.49 -8.03 -5.12
N MET B 180 -5.12 -9.00 -5.98
CA MET B 180 -4.59 -10.25 -5.41
C MET B 180 -3.31 -10.05 -4.62
N GLU B 181 -2.41 -9.21 -5.12
CA GLU B 181 -1.13 -8.96 -4.46
C GLU B 181 -1.29 -8.38 -3.04
N ARG B 182 -2.28 -7.48 -2.84
CA ARG B 182 -2.51 -6.92 -1.51
C ARG B 182 -3.08 -8.02 -0.61
N HIS B 183 -3.89 -8.93 -1.18
CA HIS B 183 -4.44 -10.03 -0.43
C HIS B 183 -3.32 -10.97 -0.04
N HIS B 184 -2.37 -11.28 -0.97
CA HIS B 184 -1.26 -12.18 -0.66
C HIS B 184 -0.46 -11.63 0.52
N PHE B 185 -0.20 -10.29 0.52
CA PHE B 185 0.53 -9.65 1.63
C PHE B 185 -0.24 -9.74 2.95
N ALA B 186 -1.56 -9.43 2.93
CA ALA B 186 -2.42 -9.49 4.12
C ALA B 186 -2.44 -10.92 4.68
N GLN B 187 -2.44 -11.95 3.79
CA GLN B 187 -2.42 -13.35 4.24
C GLN B 187 -1.09 -13.69 4.92
N ALA B 188 0.03 -13.10 4.41
CA ALA B 188 1.37 -13.31 4.99
C ALA B 188 1.41 -12.75 6.40
N ILE B 189 0.89 -11.50 6.60
CA ILE B 189 0.85 -10.85 7.92
C ILE B 189 -0.01 -11.63 8.90
N ALA B 190 -1.14 -12.18 8.41
CA ALA B 190 -2.08 -12.98 9.21
C ALA B 190 -1.34 -14.22 9.73
N ILE B 191 -0.46 -14.82 8.89
CA ILE B 191 0.35 -15.98 9.32
C ILE B 191 1.37 -15.54 10.40
N LEU B 192 2.10 -14.45 10.18
CA LEU B 192 3.08 -13.97 11.17
C LEU B 192 2.44 -13.68 12.51
N ASN B 193 1.15 -13.29 12.49
CA ASN B 193 0.35 -12.96 13.67
C ASN B 193 -0.38 -14.18 14.27
N THR B 194 -0.19 -15.38 13.68
CA THR B 194 -0.78 -16.61 14.20
C THR B 194 0.18 -17.11 15.31
N HIS B 195 -0.37 -17.57 16.45
CA HIS B 195 0.42 -18.05 17.59
C HIS B 195 1.45 -19.07 17.15
N GLY B 196 2.71 -18.81 17.53
CA GLY B 196 3.86 -19.66 17.24
C GLY B 196 4.44 -19.63 15.84
N CYS B 197 4.06 -18.61 15.04
CA CYS B 197 4.52 -18.49 13.64
C CYS B 197 5.31 -17.21 13.38
N ASN B 198 5.54 -16.39 14.40
CA ASN B 198 6.28 -15.17 14.14
C ASN B 198 7.79 -15.38 14.12
N ILE B 199 8.33 -15.68 12.92
CA ILE B 199 9.75 -15.90 12.68
C ILE B 199 10.59 -14.63 12.89
N PHE B 200 9.93 -13.46 12.94
CA PHE B 200 10.62 -12.18 13.11
C PHE B 200 10.59 -11.67 14.55
N ASP B 201 10.37 -12.56 15.51
CA ASP B 201 10.32 -12.21 16.94
C ASP B 201 11.65 -11.73 17.54
N HIS B 202 12.81 -12.00 16.89
CA HIS B 202 14.12 -11.54 17.41
C HIS B 202 14.49 -10.14 16.91
N PHE B 203 13.57 -9.52 16.15
CA PHE B 203 13.77 -8.18 15.60
C PHE B 203 13.28 -7.13 16.57
N SER B 204 13.89 -5.96 16.53
CA SER B 204 13.46 -4.82 17.33
C SER B 204 12.17 -4.31 16.63
N ARG B 205 11.36 -3.45 17.30
CA ARG B 205 10.17 -2.88 16.67
C ARG B 205 10.51 -2.20 15.35
N LYS B 206 11.67 -1.50 15.29
CA LYS B 206 12.13 -0.79 14.09
C LYS B 206 12.44 -1.74 12.94
N ASP B 207 13.18 -2.83 13.23
CA ASP B 207 13.56 -3.80 12.21
C ASP B 207 12.39 -4.66 11.77
N TYR B 208 11.47 -4.97 12.69
CA TYR B 208 10.26 -5.73 12.36
C TYR B 208 9.45 -4.91 11.34
N GLN B 209 9.27 -3.61 11.62
CA GLN B 209 8.59 -2.68 10.73
C GLN B 209 9.30 -2.62 9.37
N ARG B 210 10.64 -2.52 9.36
N ARG B 210 10.66 -2.53 9.37
CA ARG B 210 11.39 -2.48 8.09
CA ARG B 210 11.49 -2.50 8.16
C ARG B 210 11.13 -3.79 7.31
C ARG B 210 11.22 -3.77 7.33
N MET B 211 11.16 -4.92 8.00
CA MET B 211 10.91 -6.23 7.38
C MET B 211 9.51 -6.30 6.75
N LEU B 212 8.48 -5.85 7.46
CA LEU B 212 7.13 -5.91 6.87
C LEU B 212 6.97 -4.94 5.72
N ASP B 213 7.67 -3.79 5.75
CA ASP B 213 7.60 -2.81 4.66
C ASP B 213 8.32 -3.36 3.43
N LEU B 214 9.44 -4.11 3.65
CA LEU B 214 10.14 -4.73 2.53
C LEU B 214 9.23 -5.80 1.89
N MET B 215 8.61 -6.67 2.72
CA MET B 215 7.71 -7.73 2.17
C MET B 215 6.55 -7.13 1.40
N ARG B 216 6.00 -5.99 1.90
CA ARG B 216 4.87 -5.34 1.24
C ARG B 216 5.28 -4.89 -0.16
N ASP B 217 6.40 -4.17 -0.26
CA ASP B 217 6.84 -3.68 -1.55
C ASP B 217 7.20 -4.82 -2.51
N ILE B 218 7.85 -5.86 -1.99
CA ILE B 218 8.30 -6.99 -2.85
C ILE B 218 7.10 -7.78 -3.37
N ILE B 219 6.14 -8.04 -2.50
CA ILE B 219 4.94 -8.79 -2.94
C ILE B 219 4.15 -7.94 -3.96
N LEU B 220 4.06 -6.61 -3.71
CA LEU B 220 3.38 -5.74 -4.67
C LEU B 220 4.10 -5.70 -6.02
N ALA B 221 5.43 -5.94 -6.04
CA ALA B 221 6.22 -5.94 -7.29
C ALA B 221 5.85 -7.10 -8.22
N THR B 222 5.06 -8.10 -7.72
CA THR B 222 4.67 -9.23 -8.56
C THR B 222 3.47 -8.93 -9.44
N ASP B 223 2.90 -7.71 -9.31
CA ASP B 223 1.80 -7.34 -10.20
C ASP B 223 2.49 -6.87 -11.50
N LEU B 224 2.14 -7.49 -12.63
CA LEU B 224 2.77 -7.09 -13.90
C LEU B 224 2.64 -5.59 -14.19
N ALA B 225 1.49 -4.96 -13.79
CA ALA B 225 1.34 -3.51 -13.99
C ALA B 225 2.44 -2.74 -13.27
N HIS B 226 2.85 -3.20 -12.07
CA HIS B 226 3.91 -2.54 -11.30
C HIS B 226 5.24 -2.67 -12.05
N HIS B 227 5.53 -3.87 -12.58
CA HIS B 227 6.75 -4.13 -13.35
C HIS B 227 6.88 -3.17 -14.56
N LEU B 228 5.79 -3.03 -15.34
CA LEU B 228 5.75 -2.12 -16.50
C LEU B 228 5.92 -0.65 -16.09
N ARG B 229 5.41 -0.25 -14.90
CA ARG B 229 5.55 1.13 -14.37
C ARG B 229 6.99 1.50 -14.03
N ILE B 230 7.80 0.53 -13.54
CA ILE B 230 9.19 0.81 -13.16
C ILE B 230 10.18 0.37 -14.22
N PHE B 231 9.71 -0.22 -15.32
CA PHE B 231 10.58 -0.75 -16.37
C PHE B 231 11.63 0.25 -16.87
N LYS B 232 11.26 1.53 -17.14
CA LYS B 232 12.23 2.54 -17.60
C LYS B 232 13.29 2.80 -16.54
N ASP B 233 12.91 2.76 -15.24
CA ASP B 233 13.84 2.96 -14.13
C ASP B 233 14.81 1.77 -14.03
N LEU B 234 14.30 0.55 -14.27
CA LEU B 234 15.18 -0.64 -14.27
C LEU B 234 16.22 -0.55 -15.41
N GLN B 235 15.76 -0.15 -16.62
CA GLN B 235 16.61 0.02 -17.80
C GLN B 235 17.71 1.04 -17.52
N LYS B 236 17.38 2.16 -16.83
CA LYS B 236 18.35 3.21 -16.49
C LYS B 236 19.40 2.69 -15.51
N MET B 237 18.97 1.89 -14.53
CA MET B 237 19.86 1.32 -13.54
C MET B 237 20.87 0.37 -14.20
N ALA B 238 20.40 -0.45 -15.17
CA ALA B 238 21.24 -1.41 -15.91
C ALA B 238 22.21 -0.66 -16.84
N GLU B 239 21.77 0.48 -17.40
CA GLU B 239 22.55 1.35 -18.28
C GLU B 239 23.73 2.02 -17.52
N VAL B 240 23.44 2.70 -16.40
CA VAL B 240 24.47 3.39 -15.61
C VAL B 240 25.31 2.43 -14.78
N GLY B 241 24.73 1.30 -14.41
CA GLY B 241 25.42 0.31 -13.59
C GLY B 241 24.95 0.39 -12.16
N TYR B 242 24.80 -0.76 -11.54
CA TYR B 242 24.34 -0.90 -10.17
C TYR B 242 25.29 -0.27 -9.15
N ASP B 243 24.72 0.54 -8.25
CA ASP B 243 25.48 1.18 -7.18
C ASP B 243 24.93 0.69 -5.84
N ARG B 244 25.73 -0.12 -5.09
CA ARG B 244 25.37 -0.70 -3.79
C ARG B 244 25.16 0.37 -2.70
N ASN B 245 25.65 1.61 -2.91
CA ASN B 245 25.46 2.69 -1.94
C ASN B 245 24.23 3.54 -2.32
N ASN B 246 23.50 3.11 -3.36
CA ASN B 246 22.31 3.80 -3.86
C ASN B 246 21.06 3.05 -3.34
N LYS B 247 20.28 3.69 -2.45
CA LYS B 247 19.07 3.09 -1.85
C LYS B 247 17.97 2.76 -2.89
N GLN B 248 17.78 3.62 -3.92
CA GLN B 248 16.79 3.38 -4.96
C GLN B 248 17.21 2.17 -5.81
N HIS B 249 18.54 2.00 -6.03
CA HIS B 249 19.04 0.86 -6.78
C HIS B 249 18.67 -0.44 -6.04
N HIS B 250 18.77 -0.43 -4.70
CA HIS B 250 18.41 -1.60 -3.88
C HIS B 250 16.93 -1.92 -4.09
N ARG B 251 16.06 -0.89 -4.01
CA ARG B 251 14.61 -1.05 -4.19
C ARG B 251 14.26 -1.61 -5.57
N LEU B 252 14.85 -1.03 -6.63
CA LEU B 252 14.61 -1.45 -8.00
C LEU B 252 15.11 -2.89 -8.21
N LEU B 253 16.30 -3.18 -7.70
CA LEU B 253 16.86 -4.54 -7.84
C LEU B 253 15.97 -5.58 -7.17
N LEU B 254 15.43 -5.27 -5.97
CA LEU B 254 14.53 -6.22 -5.28
C LEU B 254 13.30 -6.56 -6.13
N CYS B 255 12.71 -5.52 -6.80
CA CYS B 255 11.56 -5.73 -7.69
C CYS B 255 11.95 -6.60 -8.87
N LEU B 256 13.07 -6.26 -9.53
CA LEU B 256 13.51 -7.03 -10.68
C LEU B 256 13.76 -8.50 -10.32
N LEU B 257 14.42 -8.72 -9.17
CA LEU B 257 14.69 -10.07 -8.72
C LEU B 257 13.41 -10.81 -8.44
N MET B 258 12.42 -10.16 -7.78
CA MET B 258 11.15 -10.84 -7.48
C MET B 258 10.46 -11.30 -8.81
N THR B 259 10.41 -10.42 -9.82
CA THR B 259 9.81 -10.80 -11.12
C THR B 259 10.61 -11.93 -11.75
N SER B 260 11.97 -11.91 -11.59
N SER B 260 11.96 -11.91 -11.62
CA SER B 260 12.90 -12.94 -12.08
CA SER B 260 12.77 -13.00 -12.18
C SER B 260 12.65 -14.30 -11.42
C SER B 260 12.45 -14.34 -11.47
N CYS B 261 12.22 -14.31 -10.14
CA CYS B 261 11.87 -15.55 -9.43
C CYS B 261 10.49 -16.05 -9.86
N ASP B 262 9.53 -15.12 -10.00
CA ASP B 262 8.15 -15.47 -10.36
C ASP B 262 8.08 -16.13 -11.75
N LEU B 263 8.98 -15.73 -12.67
CA LEU B 263 8.99 -16.27 -14.04
C LEU B 263 10.07 -17.31 -14.30
N SER B 264 10.71 -17.77 -13.22
CA SER B 264 11.87 -18.67 -13.30
C SER B 264 11.62 -20.02 -13.95
N ASP B 265 10.34 -20.44 -14.14
CA ASP B 265 10.14 -21.70 -14.87
C ASP B 265 10.65 -21.60 -16.32
N GLN B 266 10.71 -20.37 -16.86
CA GLN B 266 11.14 -20.06 -18.23
C GLN B 266 12.65 -20.26 -18.41
N THR B 267 13.40 -20.37 -17.29
CA THR B 267 14.87 -20.55 -17.29
C THR B 267 15.25 -22.01 -17.21
N LYS B 268 14.25 -22.89 -17.16
CA LYS B 268 14.50 -24.32 -17.07
C LYS B 268 14.51 -24.99 -18.43
N GLY B 269 14.47 -26.31 -18.46
CA GLY B 269 14.49 -27.04 -19.72
C GLY B 269 13.16 -26.98 -20.45
N TRP B 270 13.17 -27.32 -21.76
CA TRP B 270 11.96 -27.30 -22.60
C TRP B 270 10.80 -28.05 -21.95
N LYS B 271 11.06 -29.26 -21.37
CA LYS B 271 10.02 -30.08 -20.72
C LYS B 271 9.33 -29.31 -19.57
N THR B 272 10.08 -28.46 -18.85
CA THR B 272 9.49 -27.65 -17.77
C THR B 272 8.60 -26.53 -18.32
N THR B 273 9.11 -25.76 -19.30
N THR B 273 9.11 -25.73 -19.29
CA THR B 273 8.35 -24.66 -19.89
CA THR B 273 8.34 -24.61 -19.88
C THR B 273 7.08 -25.12 -20.58
C THR B 273 7.08 -25.11 -20.59
N ARG B 274 7.14 -26.30 -21.21
CA ARG B 274 5.97 -26.86 -21.88
C ARG B 274 4.91 -27.27 -20.85
N LYS B 275 5.34 -27.95 -19.77
CA LYS B 275 4.44 -28.39 -18.69
C LYS B 275 3.84 -27.16 -18.00
N ILE B 276 4.67 -26.12 -17.75
CA ILE B 276 4.14 -24.93 -17.09
C ILE B 276 3.09 -24.21 -17.98
N ALA B 277 3.28 -24.24 -19.32
CA ALA B 277 2.30 -23.64 -20.25
C ALA B 277 0.98 -24.41 -20.15
N GLU B 278 1.06 -25.72 -20.03
CA GLU B 278 -0.12 -26.55 -19.89
C GLU B 278 -0.87 -26.16 -18.58
N LEU B 279 -0.14 -26.00 -17.47
CA LEU B 279 -0.76 -25.62 -16.19
C LEU B 279 -1.35 -24.22 -16.26
N ILE B 280 -0.60 -23.25 -16.79
CA ILE B 280 -1.05 -21.86 -16.91
C ILE B 280 -2.33 -21.80 -17.76
N TYR B 281 -2.35 -22.47 -18.94
CA TYR B 281 -3.53 -22.37 -19.79
C TYR B 281 -4.67 -23.17 -19.23
N LYS B 282 -4.43 -24.29 -18.51
CA LYS B 282 -5.57 -25.00 -17.91
C LYS B 282 -6.24 -24.03 -16.91
N GLU B 283 -5.41 -23.34 -16.08
CA GLU B 283 -5.92 -22.38 -15.09
C GLU B 283 -6.65 -21.20 -15.77
N PHE B 284 -6.00 -20.55 -16.74
CA PHE B 284 -6.57 -19.41 -17.47
C PHE B 284 -7.89 -19.78 -18.14
N PHE B 285 -7.93 -20.95 -18.80
CA PHE B 285 -9.14 -21.39 -19.53
C PHE B 285 -10.31 -21.69 -18.61
N SER B 286 -10.02 -22.19 -17.40
CA SER B 286 -11.07 -22.45 -16.40
C SER B 286 -11.68 -21.11 -15.99
N GLN B 287 -10.86 -20.07 -15.86
CA GLN B 287 -11.36 -18.72 -15.55
C GLN B 287 -12.25 -18.20 -16.69
N GLY B 288 -11.78 -18.32 -17.93
CA GLY B 288 -12.54 -17.92 -19.11
C GLY B 288 -13.89 -18.61 -19.20
N ASP B 289 -13.94 -19.93 -18.92
CA ASP B 289 -15.17 -20.74 -18.93
C ASP B 289 -16.12 -20.26 -17.84
N LEU B 290 -15.57 -19.92 -16.67
CA LEU B 290 -16.37 -19.41 -15.56
C LEU B 290 -16.96 -18.05 -15.94
N GLU B 291 -16.16 -17.19 -16.59
CA GLU B 291 -16.59 -15.86 -17.05
C GLU B 291 -17.73 -16.00 -18.07
N LYS B 292 -17.66 -17.05 -18.93
CA LYS B 292 -18.70 -17.33 -19.95
C LYS B 292 -19.98 -17.75 -19.24
N ALA B 293 -19.87 -18.61 -18.21
CA ALA B 293 -21.00 -19.09 -17.39
C ALA B 293 -21.63 -17.95 -16.59
N MET B 294 -20.89 -16.84 -16.42
CA MET B 294 -21.38 -15.65 -15.71
C MET B 294 -22.00 -14.65 -16.70
N GLY B 295 -22.02 -15.00 -17.99
CA GLY B 295 -22.56 -14.17 -19.06
C GLY B 295 -21.62 -13.09 -19.55
N ASN B 296 -20.31 -13.22 -19.25
CA ASN B 296 -19.32 -12.23 -19.66
C ASN B 296 -18.39 -12.78 -20.75
N ARG B 297 -17.62 -11.88 -21.40
CA ARG B 297 -16.66 -12.23 -22.44
C ARG B 297 -15.25 -12.17 -21.88
N PRO B 298 -14.54 -13.32 -21.77
CA PRO B 298 -13.18 -13.30 -21.20
C PRO B 298 -12.18 -12.67 -22.16
N MET B 299 -10.98 -12.31 -21.65
CA MET B 299 -9.95 -11.75 -22.52
C MET B 299 -9.47 -12.91 -23.41
N GLU B 300 -8.93 -12.60 -24.61
CA GLU B 300 -8.48 -13.59 -25.60
C GLU B 300 -7.66 -14.73 -25.05
N MET B 301 -6.61 -14.43 -24.27
CA MET B 301 -5.71 -15.45 -23.72
C MET B 301 -6.38 -16.41 -22.73
N MET B 302 -7.59 -16.07 -22.19
CA MET B 302 -8.36 -16.91 -21.24
C MET B 302 -9.48 -17.65 -21.92
N ASP B 303 -9.66 -17.40 -23.22
CA ASP B 303 -10.73 -18.02 -24.00
C ASP B 303 -10.19 -19.18 -24.81
N ARG B 304 -10.56 -20.42 -24.45
CA ARG B 304 -10.11 -21.65 -25.10
C ARG B 304 -10.51 -21.75 -26.59
N GLU B 305 -11.45 -20.90 -27.00
CA GLU B 305 -11.93 -20.86 -28.39
C GLU B 305 -11.19 -19.80 -29.23
N LYS B 306 -10.51 -18.84 -28.58
CA LYS B 306 -9.79 -17.74 -29.23
C LYS B 306 -8.27 -17.86 -29.09
N ALA B 307 -7.80 -18.35 -27.93
CA ALA B 307 -6.39 -18.47 -27.60
C ALA B 307 -5.54 -19.38 -28.50
N TYR B 308 -4.43 -18.82 -29.04
CA TYR B 308 -3.47 -19.63 -29.78
C TYR B 308 -2.20 -19.67 -28.93
N ILE B 309 -2.06 -20.74 -28.13
CA ILE B 309 -0.99 -20.90 -27.14
C ILE B 309 0.42 -20.61 -27.67
N PRO B 310 0.89 -21.17 -28.79
CA PRO B 310 2.27 -20.85 -29.20
C PRO B 310 2.49 -19.37 -29.42
N GLU B 311 1.59 -18.65 -30.13
CA GLU B 311 1.80 -17.19 -30.36
C GLU B 311 1.71 -16.39 -29.06
N LEU B 312 0.81 -16.82 -28.15
CA LEU B 312 0.67 -16.17 -26.84
C LEU B 312 1.95 -16.38 -26.02
N GLN B 313 2.54 -17.59 -26.07
CA GLN B 313 3.79 -17.86 -25.33
C GLN B 313 4.97 -17.10 -25.91
N ILE B 314 5.03 -17.00 -27.27
CA ILE B 314 6.09 -16.25 -27.92
C ILE B 314 5.98 -14.78 -27.49
N SER B 315 4.76 -14.19 -27.51
CA SER B 315 4.57 -12.80 -27.12
C SER B 315 5.01 -12.58 -25.66
N PHE B 316 4.60 -13.50 -24.77
CA PHE B 316 4.95 -13.46 -23.35
C PHE B 316 6.46 -13.49 -23.19
N MET B 317 7.15 -14.40 -23.92
CA MET B 317 8.61 -14.53 -23.85
C MET B 317 9.29 -13.28 -24.36
N GLU B 318 8.88 -12.78 -25.53
CA GLU B 318 9.50 -11.61 -26.11
C GLU B 318 9.22 -10.30 -25.40
N HIS B 319 8.01 -10.11 -24.88
CA HIS B 319 7.71 -8.81 -24.29
C HIS B 319 7.79 -8.74 -22.77
N ILE B 320 7.73 -9.89 -22.10
CA ILE B 320 7.78 -9.90 -20.64
C ILE B 320 9.00 -10.60 -20.07
N ALA B 321 9.11 -11.92 -20.28
CA ALA B 321 10.19 -12.75 -19.70
C ALA B 321 11.61 -12.42 -20.18
N MET B 322 11.84 -12.46 -21.51
CA MET B 322 13.20 -12.15 -22.02
C MET B 322 13.71 -10.80 -21.58
N PRO B 323 12.96 -9.66 -21.65
CA PRO B 323 13.52 -8.38 -21.16
C PRO B 323 13.89 -8.37 -19.67
N ILE B 324 13.22 -9.18 -18.83
CA ILE B 324 13.54 -9.27 -17.40
C ILE B 324 14.92 -9.93 -17.26
N TYR B 325 15.14 -11.06 -17.96
CA TYR B 325 16.41 -11.79 -17.88
C TYR B 325 17.53 -11.05 -18.59
N LYS B 326 17.23 -10.23 -19.61
CA LYS B 326 18.25 -9.42 -20.31
C LYS B 326 18.76 -8.37 -19.32
N LEU B 327 17.83 -7.74 -18.54
CA LEU B 327 18.22 -6.77 -17.50
C LEU B 327 19.07 -7.48 -16.44
N LEU B 328 18.69 -8.72 -16.08
CA LEU B 328 19.43 -9.50 -15.10
C LEU B 328 20.86 -9.76 -15.57
N GLN B 329 21.03 -10.09 -16.86
CA GLN B 329 22.34 -10.35 -17.48
C GLN B 329 23.13 -9.03 -17.55
N ASP B 330 22.47 -7.90 -17.87
CA ASP B 330 23.12 -6.58 -17.94
C ASP B 330 23.70 -6.18 -16.59
N LEU B 331 23.01 -6.55 -15.49
CA LEU B 331 23.43 -6.25 -14.13
C LEU B 331 24.40 -7.28 -13.58
N PHE B 332 24.19 -8.56 -13.90
CA PHE B 332 24.99 -9.69 -13.42
C PHE B 332 25.47 -10.54 -14.58
N PRO B 333 26.73 -10.41 -15.02
CA PRO B 333 27.19 -11.25 -16.14
C PRO B 333 26.97 -12.75 -15.97
N LYS B 334 26.99 -13.26 -14.71
CA LYS B 334 26.79 -14.71 -14.43
C LYS B 334 25.34 -15.14 -14.69
N ALA B 335 24.43 -14.18 -14.95
CA ALA B 335 23.02 -14.47 -15.25
C ALA B 335 22.85 -14.71 -16.75
N ALA B 336 23.95 -14.63 -17.53
CA ALA B 336 23.89 -14.85 -18.98
C ALA B 336 23.24 -16.17 -19.35
N GLU B 337 23.52 -17.25 -18.60
CA GLU B 337 22.96 -18.57 -18.91
C GLU B 337 21.44 -18.61 -18.81
N LEU B 338 20.85 -17.81 -17.89
CA LEU B 338 19.41 -17.72 -17.69
C LEU B 338 18.77 -17.07 -18.93
N TYR B 339 19.29 -15.91 -19.36
CA TYR B 339 18.76 -15.23 -20.54
C TYR B 339 18.82 -16.17 -21.74
N GLU B 340 19.96 -16.88 -21.91
CA GLU B 340 20.16 -17.83 -23.01
C GLU B 340 19.15 -18.97 -23.01
N ARG B 341 18.84 -19.49 -21.81
CA ARG B 341 17.83 -20.52 -21.67
C ARG B 341 16.43 -20.01 -22.00
N VAL B 342 16.09 -18.78 -21.59
CA VAL B 342 14.76 -18.22 -21.88
C VAL B 342 14.65 -18.00 -23.39
N ALA B 343 15.72 -17.49 -24.04
CA ALA B 343 15.74 -17.25 -25.49
C ALA B 343 15.58 -18.56 -26.26
N SER B 344 16.21 -19.65 -25.76
CA SER B 344 16.13 -21.00 -26.35
C SER B 344 14.72 -21.55 -26.23
N ASN B 345 14.03 -21.28 -25.09
CA ASN B 345 12.65 -21.74 -24.92
C ASN B 345 11.71 -20.92 -25.85
N ARG B 346 12.01 -19.63 -26.07
CA ARG B 346 11.21 -18.82 -27.00
C ARG B 346 11.34 -19.48 -28.41
N GLU B 347 12.56 -19.92 -28.78
CA GLU B 347 12.81 -20.59 -30.07
C GLU B 347 12.01 -21.87 -30.15
N HIS B 348 11.90 -22.60 -29.02
CA HIS B 348 11.12 -23.84 -28.97
C HIS B 348 9.63 -23.56 -29.26
N TRP B 349 9.08 -22.47 -28.73
CA TRP B 349 7.67 -22.11 -28.98
C TRP B 349 7.49 -21.80 -30.48
N THR B 350 8.52 -21.16 -31.11
CA THR B 350 8.46 -20.87 -32.55
C THR B 350 8.35 -22.21 -33.29
N LYS B 351 9.16 -23.22 -32.91
CA LYS B 351 9.08 -24.54 -33.56
C LYS B 351 7.72 -25.20 -33.32
N VAL B 352 7.18 -25.06 -32.10
CA VAL B 352 5.85 -25.61 -31.77
C VAL B 352 4.76 -24.96 -32.63
N SER B 353 4.88 -23.65 -32.90
CA SER B 353 3.90 -22.92 -33.71
C SER B 353 3.77 -23.49 -35.15
N HIS B 354 4.76 -24.27 -35.60
CA HIS B 354 4.71 -24.88 -36.94
C HIS B 354 4.20 -26.32 -36.90
N LYS B 355 3.66 -26.78 -35.74
CA LYS B 355 3.13 -28.15 -35.61
C LYS B 355 2.08 -28.25 -34.49
N PHE B 356 1.29 -27.17 -34.31
CA PHE B 356 0.25 -27.03 -33.28
C PHE B 356 -0.94 -26.39 -34.01
N THR B 357 -1.92 -27.21 -34.44
CA THR B 357 -3.01 -26.70 -35.26
C THR B 357 -4.35 -26.58 -34.56
N ILE B 358 -4.34 -26.16 -33.28
CA ILE B 358 -5.59 -26.00 -32.53
C ILE B 358 -5.59 -24.70 -31.75
N ARG B 359 -6.78 -24.23 -31.38
CA ARG B 359 -6.91 -23.09 -30.48
C ARG B 359 -7.12 -23.78 -29.14
N GLY B 360 -6.72 -23.14 -28.06
CA GLY B 360 -6.85 -23.74 -26.74
C GLY B 360 -5.91 -24.91 -26.53
N LEU B 361 -6.34 -25.86 -25.70
CA LEU B 361 -5.55 -27.04 -25.39
C LEU B 361 -6.25 -28.27 -25.99
N PRO B 362 -5.55 -29.41 -26.22
CA PRO B 362 -6.27 -30.60 -26.71
C PRO B 362 -7.29 -31.06 -25.67
N SER B 363 -8.27 -31.88 -26.08
CA SER B 363 -9.34 -32.41 -25.22
C SER B 363 -8.85 -33.03 -23.89
N ASN B 364 -7.65 -33.63 -23.89
CA ASN B 364 -7.05 -34.27 -22.71
C ASN B 364 -6.23 -33.28 -21.84
N ASN B 365 -6.24 -31.98 -22.20
CA ASN B 365 -5.52 -30.86 -21.53
C ASN B 365 -4.00 -31.05 -21.47
N SER B 366 -3.43 -31.97 -22.26
CA SER B 366 -2.01 -32.26 -22.24
C SER B 366 -1.28 -31.83 -23.51
N LEU B 367 -0.05 -31.34 -23.36
CA LEU B 367 0.76 -30.94 -24.50
C LEU B 367 1.74 -32.07 -24.93
N ASP B 368 1.49 -33.32 -24.47
CA ASP B 368 2.28 -34.53 -24.77
C ASP B 368 2.27 -34.91 -26.25
N PHE B 369 1.23 -34.49 -27.01
CA PHE B 369 1.09 -34.76 -28.45
C PHE B 369 2.23 -34.14 -29.29
N LEU B 370 3.11 -33.34 -28.63
CA LEU B 370 4.25 -32.67 -29.24
C LEU B 370 5.52 -33.48 -29.05
ZN ZN C . -4.73 17.66 5.43
MG MG D . -2.65 15.55 2.74
C2 FKG E . -8.65 22.59 1.13
C3 FKG E . -6.75 20.17 -0.66
C5 FKG E . -8.40 18.34 -1.21
C7 FKG E . -8.66 16.35 0.12
C9 FKG E . -7.03 18.02 0.71
C10 FKG E . -9.37 15.08 0.41
C11 FKG E . -5.35 20.38 -0.10
C12 FKG E . -9.15 23.25 2.37
C13 FKG E . -9.46 24.28 -0.82
C15 FKG E . -8.58 23.56 -4.37
O1 FKG E . -10.06 25.18 -0.26
C1 FKG E . -8.87 23.13 -0.17
N2 FKG E . -9.31 24.31 -2.19
C14 FKG E . -8.67 23.36 -2.90
N3 FKG E . -8.10 22.27 -2.37
C FKG E . -8.21 22.22 -1.03
N1 FKG E . -7.66 21.26 -0.23
N FKG E . -7.94 21.48 1.09
O FKG E . -10.46 22.83 2.72
C4 FKG E . -7.41 18.81 -0.37
C8 FKG E . -7.65 16.81 0.96
F2 FKG E . -8.98 14.09 -0.35
F1 FKG E . -9.23 14.66 1.66
F FKG E . -10.64 15.17 0.22
C6 FKG E . -9.02 17.12 -0.98
C1 EDO F . -13.84 14.69 -10.14
O1 EDO F . -13.88 15.13 -8.79
C2 EDO F . -14.94 15.43 -10.94
O2 EDO F . -16.24 15.20 -10.37
C1 EDO G . -4.90 16.21 -1.69
O1 EDO G . -4.87 14.95 -2.32
C2 EDO G . -4.23 17.24 -2.62
O2 EDO G . -5.09 17.53 -3.70
ZN ZN H . 3.72 -16.20 -8.62
MG MG I . 0.87 -13.38 -8.27
C2 FKG J . 3.98 -17.73 -16.22
C3 FKG J . 1.86 -15.02 -15.22
C5 FKG J . 3.20 -12.91 -15.58
C7 FKG J . 4.47 -11.86 -13.82
C9 FKG J . 3.28 -13.91 -13.42
C10 FKG J . 5.45 -10.80 -13.37
C11 FKG J . 0.99 -15.66 -14.14
C12 FKG J . 4.96 -18.85 -15.95
C13 FKG J . 3.41 -18.07 -18.83
C15 FKG J . 0.95 -15.79 -20.51
O1 FKG J . 4.09 -19.02 -19.19
C1 FKG J . 3.39 -17.50 -17.51
N2 FKG J . 2.56 -17.45 -19.74
C14 FKG J . 1.77 -16.38 -19.41
N3 FKG J . 1.70 -15.81 -18.18
C FKG J . 2.52 -16.40 -17.28
N1 FKG J . 2.65 -16.05 -15.98
N FKG J . 3.55 -16.86 -15.32
O FKG J . 6.31 -18.42 -16.09
C4 FKG J . 2.81 -13.94 -14.72
C8 FKG J . 4.08 -12.88 -12.96
F2 FKG J . 4.88 -9.64 -13.09
F1 FKG J . 6.17 -11.12 -12.30
F FKG J . 6.32 -10.54 -14.31
C6 FKG J . 4.00 -11.88 -15.13
C1 EDO K . 1.05 -10.91 -12.84
O1 EDO K . 0.41 -9.67 -12.95
C2 EDO K . 0.11 -11.99 -13.35
O2 EDO K . -0.89 -12.16 -12.38
#